data_2E5F
#
_entry.id   2E5F
#
_cell.length_a   61.009
_cell.length_b   79.366
_cell.length_c   67.440
_cell.angle_alpha   90.00
_cell.angle_beta   105.31
_cell.angle_gamma   90.00
#
_symmetry.space_group_name_H-M   'P 1 21 1'
#
loop_
_entity.id
_entity.type
_entity.pdbx_description
1 polymer 'Hypothetical protein PH0510'
2 non-polymer 'PHOSPHATE ION'
3 non-polymer 1,2-ETHANEDIOL
4 water water
#
_entity_poly.entity_id   1
_entity_poly.type   'polypeptide(L)'
_entity_poly.pdbx_seq_one_letter_code
;MKTLIEIKQTPDGIIKADKVFNKVKDKISLPNRILYLGCGSSHFLSKLLAMVTNMHGGLGIALPCSEFLYSKETYPIGEV
ELAVGISRSGETTEILLALEKINVKKLGITTRESSLTRMCDYSLVVPAIEESVVMTHSFTSFYFAYLQLLRYSYGLPPLN
AGEISKATEKSLEYERYIREIVESFDFQNIIFLGSGLLYPVALEASLKMKEMSIFWSEAYPTFEVRHGFKAIADEKTLVV
LMVEEPFEWHEKLVKEFKNQGAKVLVISNSPQDLGQDYSIELPRLSKDANPIPYLPIVQLLSYYKAVSRGLNPDNPRFLD
KVVRW
;
_entity_poly.pdbx_strand_id   A,B
#
# COMPACT_ATOMS: atom_id res chain seq x y z
N MET A 1 -15.94 18.42 21.40
CA MET A 1 -15.10 17.35 20.80
C MET A 1 -15.85 16.03 20.81
N LYS A 2 -15.82 15.31 19.70
CA LYS A 2 -16.51 14.03 19.58
C LYS A 2 -15.61 12.84 19.31
N THR A 3 -14.46 13.08 18.69
CA THR A 3 -13.55 11.98 18.36
C THR A 3 -13.16 11.10 19.54
N LEU A 4 -12.78 11.72 20.66
CA LEU A 4 -12.38 10.94 21.82
C LEU A 4 -13.54 10.14 22.39
N ILE A 5 -14.71 10.76 22.48
CA ILE A 5 -15.90 10.08 22.98
C ILE A 5 -16.19 8.88 22.10
N GLU A 6 -16.07 9.05 20.78
CA GLU A 6 -16.33 7.97 19.85
C GLU A 6 -15.33 6.82 19.98
N ILE A 7 -14.06 7.13 20.20
CA ILE A 7 -13.05 6.10 20.39
C ILE A 7 -13.43 5.29 21.65
N LYS A 8 -13.86 5.99 22.69
CA LYS A 8 -14.21 5.33 23.95
C LYS A 8 -15.50 4.51 23.88
N GLN A 9 -16.24 4.64 22.76
CA GLN A 9 -17.45 3.84 22.61
C GLN A 9 -17.16 2.47 21.98
N THR A 10 -15.85 2.19 21.78
CA THR A 10 -15.48 0.94 21.13
C THR A 10 -16.05 -0.29 21.83
N PRO A 11 -16.00 -0.36 23.18
CA PRO A 11 -16.55 -1.54 23.85
C PRO A 11 -18.03 -1.76 23.51
N ASP A 12 -18.80 -0.68 23.53
CA ASP A 12 -20.23 -0.78 23.22
C ASP A 12 -20.44 -1.10 21.75
N GLY A 13 -19.54 -0.62 20.90
CA GLY A 13 -19.64 -0.89 19.48
C GLY A 13 -19.56 -2.38 19.18
N ILE A 14 -18.75 -3.09 19.96
CA ILE A 14 -18.60 -4.53 19.81
C ILE A 14 -19.92 -5.21 20.14
N ILE A 15 -20.58 -4.74 21.20
CA ILE A 15 -21.85 -5.31 21.62
C ILE A 15 -22.92 -5.04 20.54
N LYS A 16 -22.94 -3.81 20.02
CA LYS A 16 -23.90 -3.45 18.98
C LYS A 16 -23.69 -4.33 17.75
N ALA A 17 -22.43 -4.56 17.42
CA ALA A 17 -22.07 -5.38 16.26
C ALA A 17 -22.57 -6.80 16.42
N ASP A 18 -22.46 -7.34 17.63
CA ASP A 18 -22.89 -8.71 17.88
C ASP A 18 -24.40 -8.81 17.71
N LYS A 19 -25.11 -7.76 18.12
CA LYS A 19 -26.57 -7.74 18.01
C LYS A 19 -26.99 -7.78 16.54
N VAL A 20 -26.34 -6.96 15.70
CA VAL A 20 -26.65 -6.94 14.28
C VAL A 20 -26.36 -8.31 13.66
N PHE A 21 -25.21 -8.87 14.00
CA PHE A 21 -24.82 -10.18 13.49
C PHE A 21 -25.92 -11.22 13.75
N ASN A 22 -26.35 -11.31 15.00
CA ASN A 22 -27.37 -12.28 15.36
C ASN A 22 -28.72 -12.06 14.66
N LYS A 23 -29.01 -10.82 14.32
CA LYS A 23 -30.27 -10.52 13.64
C LYS A 23 -30.27 -10.98 12.18
N VAL A 24 -29.12 -10.89 11.53
CA VAL A 24 -29.02 -11.26 10.12
C VAL A 24 -28.29 -12.56 9.79
N LYS A 25 -27.72 -13.22 10.78
CA LYS A 25 -26.95 -14.44 10.52
C LYS A 25 -27.63 -15.52 9.69
N ASP A 26 -28.94 -15.68 9.83
CA ASP A 26 -29.63 -16.70 9.05
C ASP A 26 -30.30 -16.13 7.80
N LYS A 27 -29.95 -14.89 7.45
CA LYS A 27 -30.51 -14.24 6.28
C LYS A 27 -29.47 -13.96 5.22
N ILE A 28 -28.20 -14.05 5.60
CA ILE A 28 -27.10 -13.78 4.69
C ILE A 28 -26.06 -14.90 4.67
N SER A 29 -25.90 -15.54 3.52
CA SER A 29 -24.94 -16.62 3.37
C SER A 29 -23.71 -16.08 2.62
N LEU A 30 -22.55 -16.11 3.27
CA LEU A 30 -21.33 -15.63 2.66
C LEU A 30 -20.65 -16.74 1.87
N PRO A 31 -20.35 -16.50 0.59
CA PRO A 31 -19.70 -17.49 -0.28
C PRO A 31 -18.19 -17.60 -0.10
N ASN A 32 -17.57 -18.36 -0.99
CA ASN A 32 -16.12 -18.57 -0.95
C ASN A 32 -15.33 -17.41 -1.55
N ARG A 33 -15.74 -16.97 -2.72
CA ARG A 33 -15.06 -15.88 -3.43
C ARG A 33 -15.77 -14.56 -3.17
N ILE A 34 -15.13 -13.69 -2.40
CA ILE A 34 -15.72 -12.40 -2.06
C ILE A 34 -14.83 -11.21 -2.40
N LEU A 35 -15.44 -10.19 -3.00
CA LEU A 35 -14.75 -8.95 -3.36
C LEU A 35 -15.16 -7.88 -2.37
N TYR A 36 -14.17 -7.21 -1.78
CA TYR A 36 -14.42 -6.16 -0.80
C TYR A 36 -14.03 -4.80 -1.38
N LEU A 37 -14.98 -3.88 -1.38
CA LEU A 37 -14.75 -2.55 -1.91
C LEU A 37 -14.98 -1.45 -0.89
N GLY A 38 -14.09 -0.49 -0.85
CA GLY A 38 -14.20 0.62 0.07
C GLY A 38 -13.18 1.68 -0.28
N CYS A 39 -13.35 2.88 0.28
CA CYS A 39 -12.44 3.99 0.02
C CYS A 39 -11.84 4.46 1.35
N GLY A 40 -10.58 4.87 1.32
CA GLY A 40 -9.93 5.35 2.53
C GLY A 40 -9.91 4.31 3.64
N SER A 41 -10.34 4.70 4.83
CA SER A 41 -10.35 3.77 5.96
C SER A 41 -11.19 2.54 5.62
N SER A 42 -12.25 2.72 4.86
CA SER A 42 -13.10 1.60 4.48
C SER A 42 -12.35 0.66 3.53
N HIS A 43 -11.35 1.18 2.83
CA HIS A 43 -10.55 0.31 1.96
C HIS A 43 -9.66 -0.53 2.87
N PHE A 44 -9.08 0.09 3.89
CA PHE A 44 -8.22 -0.66 4.80
C PHE A 44 -9.03 -1.71 5.53
N LEU A 45 -10.29 -1.42 5.84
CA LEU A 45 -11.14 -2.39 6.50
C LEU A 45 -11.40 -3.52 5.49
N SER A 46 -11.60 -3.15 4.22
CA SER A 46 -11.83 -4.14 3.17
C SER A 46 -10.63 -5.08 3.07
N LYS A 47 -9.43 -4.53 3.18
CA LYS A 47 -8.22 -5.34 3.12
C LYS A 47 -8.20 -6.32 4.29
N LEU A 48 -8.54 -5.82 5.47
CA LEU A 48 -8.58 -6.66 6.67
C LEU A 48 -9.60 -7.79 6.50
N LEU A 49 -10.79 -7.45 6.00
CA LEU A 49 -11.82 -8.46 5.80
C LEU A 49 -11.39 -9.50 4.75
N ALA A 50 -10.74 -9.04 3.69
CA ALA A 50 -10.26 -9.95 2.66
C ALA A 50 -9.23 -10.91 3.27
N MET A 51 -8.33 -10.37 4.09
CA MET A 51 -7.31 -11.19 4.73
C MET A 51 -7.88 -12.25 5.65
N VAL A 52 -8.85 -11.88 6.46
CA VAL A 52 -9.43 -12.84 7.39
C VAL A 52 -10.25 -13.87 6.62
N THR A 53 -10.77 -13.49 5.45
CA THR A 53 -11.53 -14.41 4.62
C THR A 53 -10.56 -15.49 4.13
N ASN A 54 -9.37 -15.07 3.71
CA ASN A 54 -8.36 -16.01 3.26
C ASN A 54 -7.90 -16.88 4.43
N MET A 55 -7.73 -16.26 5.60
CA MET A 55 -7.30 -16.97 6.80
C MET A 55 -8.25 -18.12 7.11
N HIS A 56 -9.55 -17.91 6.89
CA HIS A 56 -10.55 -18.93 7.17
C HIS A 56 -10.87 -19.88 6.03
N GLY A 57 -10.03 -19.91 5.01
CA GLY A 57 -10.25 -20.84 3.90
C GLY A 57 -11.00 -20.34 2.68
N GLY A 58 -11.41 -19.08 2.69
CA GLY A 58 -12.12 -18.53 1.54
C GLY A 58 -11.14 -17.80 0.64
N LEU A 59 -11.67 -17.05 -0.31
CA LEU A 59 -10.83 -16.29 -1.22
C LEU A 59 -11.32 -14.85 -1.22
N GLY A 60 -10.58 -13.99 -0.53
CA GLY A 60 -10.97 -12.59 -0.45
C GLY A 60 -10.02 -11.65 -1.14
N ILE A 61 -10.58 -10.69 -1.86
CA ILE A 61 -9.79 -9.70 -2.57
C ILE A 61 -10.37 -8.32 -2.25
N ALA A 62 -9.50 -7.36 -1.99
CA ALA A 62 -9.93 -6.01 -1.69
C ALA A 62 -9.31 -5.01 -2.65
N LEU A 63 -10.10 -4.02 -3.06
CA LEU A 63 -9.62 -3.00 -3.98
C LEU A 63 -10.23 -1.65 -3.64
N PRO A 64 -9.47 -0.57 -3.84
CA PRO A 64 -10.01 0.76 -3.55
C PRO A 64 -11.13 0.95 -4.57
N CYS A 65 -12.22 1.60 -4.20
CA CYS A 65 -13.34 1.79 -5.12
C CYS A 65 -12.98 2.32 -6.50
N SER A 66 -12.17 3.37 -6.56
CA SER A 66 -11.81 3.94 -7.84
C SER A 66 -10.95 3.03 -8.73
N GLU A 67 -10.17 2.15 -8.11
CA GLU A 67 -9.36 1.23 -8.90
C GLU A 67 -10.27 0.21 -9.56
N PHE A 68 -11.33 -0.18 -8.85
CA PHE A 68 -12.28 -1.13 -9.42
C PHE A 68 -13.04 -0.43 -10.54
N LEU A 69 -13.36 0.84 -10.33
CA LEU A 69 -14.10 1.62 -11.32
C LEU A 69 -13.37 1.85 -12.63
N TYR A 70 -12.09 2.20 -12.54
CA TYR A 70 -11.33 2.55 -13.73
C TYR A 70 -10.19 1.64 -14.17
N SER A 71 -9.78 0.70 -13.32
CA SER A 71 -8.67 -0.18 -13.68
C SER A 71 -8.84 -1.61 -13.18
N LYS A 72 -10.06 -2.12 -13.22
CA LYS A 72 -10.29 -3.48 -12.73
C LYS A 72 -9.49 -4.57 -13.44
N GLU A 73 -9.16 -4.35 -14.72
CA GLU A 73 -8.42 -5.33 -15.50
C GLU A 73 -7.04 -5.69 -14.96
N THR A 74 -6.46 -4.80 -14.13
CA THR A 74 -5.14 -5.06 -13.58
C THR A 74 -5.16 -5.80 -12.25
N TYR A 75 -6.35 -6.13 -11.77
CA TYR A 75 -6.47 -6.82 -10.49
C TYR A 75 -6.98 -8.26 -10.62
N PRO A 76 -6.51 -9.16 -9.73
CA PRO A 76 -6.87 -10.58 -9.68
C PRO A 76 -8.25 -10.84 -9.09
N ILE A 77 -9.26 -10.18 -9.63
CA ILE A 77 -10.63 -10.34 -9.15
C ILE A 77 -11.23 -11.70 -9.49
N GLY A 78 -11.13 -12.09 -10.74
CA GLY A 78 -11.67 -13.38 -11.16
C GLY A 78 -13.17 -13.45 -10.95
N GLU A 79 -13.67 -14.65 -10.67
CA GLU A 79 -15.09 -14.83 -10.45
C GLU A 79 -15.49 -14.33 -9.07
N VAL A 80 -16.52 -13.50 -9.02
CA VAL A 80 -16.99 -12.95 -7.75
C VAL A 80 -18.37 -13.53 -7.41
N GLU A 81 -18.51 -14.06 -6.21
CA GLU A 81 -19.78 -14.63 -5.79
C GLU A 81 -20.54 -13.64 -4.91
N LEU A 82 -19.81 -12.69 -4.33
CA LEU A 82 -20.40 -11.65 -3.50
C LEU A 82 -19.53 -10.42 -3.50
N ALA A 83 -20.15 -9.25 -3.61
CA ALA A 83 -19.43 -7.99 -3.57
C ALA A 83 -19.87 -7.31 -2.28
N VAL A 84 -18.90 -6.93 -1.46
CA VAL A 84 -19.18 -6.26 -0.20
C VAL A 84 -18.75 -4.80 -0.31
N GLY A 85 -19.72 -3.89 -0.16
CA GLY A 85 -19.43 -2.48 -0.24
C GLY A 85 -19.39 -1.90 1.16
N ILE A 86 -18.25 -1.36 1.55
CA ILE A 86 -18.08 -0.79 2.88
C ILE A 86 -18.02 0.73 2.84
N SER A 87 -18.91 1.37 3.59
CA SER A 87 -18.97 2.81 3.66
C SER A 87 -19.65 3.23 4.96
N ARG A 88 -18.92 3.93 5.81
CA ARG A 88 -19.48 4.37 7.08
C ARG A 88 -20.75 5.18 6.85
N SER A 89 -20.70 6.10 5.89
CA SER A 89 -21.82 6.98 5.59
C SER A 89 -22.87 6.31 4.70
N GLY A 90 -22.38 5.41 3.84
CA GLY A 90 -23.29 4.80 2.86
C GLY A 90 -23.69 5.77 1.75
N GLU A 91 -22.93 6.87 1.65
CA GLU A 91 -23.25 7.90 0.66
C GLU A 91 -22.06 8.25 -0.25
N THR A 92 -20.91 7.61 -0.06
CA THR A 92 -19.75 7.89 -0.89
C THR A 92 -20.03 7.56 -2.36
N THR A 93 -19.92 8.58 -3.22
CA THR A 93 -20.21 8.41 -4.63
C THR A 93 -19.52 7.23 -5.29
N GLU A 94 -18.21 7.08 -5.05
CA GLU A 94 -17.46 5.99 -5.66
C GLU A 94 -17.97 4.60 -5.34
N ILE A 95 -18.43 4.37 -4.11
CA ILE A 95 -18.94 3.05 -3.77
C ILE A 95 -20.27 2.82 -4.48
N LEU A 96 -21.08 3.86 -4.61
CA LEU A 96 -22.35 3.74 -5.30
C LEU A 96 -22.11 3.42 -6.77
N LEU A 97 -21.13 4.09 -7.38
CA LEU A 97 -20.80 3.86 -8.78
C LEU A 97 -20.24 2.46 -8.99
N ALA A 98 -19.42 2.02 -8.05
CA ALA A 98 -18.80 0.69 -8.14
C ALA A 98 -19.84 -0.43 -8.06
N LEU A 99 -20.73 -0.34 -7.09
CA LEU A 99 -21.75 -1.38 -6.93
C LEU A 99 -22.76 -1.44 -8.09
N GLU A 100 -23.07 -0.31 -8.70
CA GLU A 100 -24.03 -0.34 -9.80
C GLU A 100 -23.47 -1.05 -11.04
N LYS A 101 -22.13 -1.18 -11.08
CA LYS A 101 -21.50 -1.89 -12.19
C LYS A 101 -21.37 -3.39 -11.91
N ILE A 102 -21.76 -3.77 -10.69
CA ILE A 102 -21.70 -5.19 -10.32
C ILE A 102 -23.08 -5.84 -10.41
N ASN A 103 -23.13 -7.06 -10.96
CA ASN A 103 -24.38 -7.77 -11.13
C ASN A 103 -24.63 -8.88 -10.11
N VAL A 104 -23.56 -9.36 -9.47
CA VAL A 104 -23.70 -10.42 -8.49
C VAL A 104 -24.27 -9.87 -7.17
N LYS A 105 -24.52 -10.76 -6.22
CA LYS A 105 -25.06 -10.37 -4.92
C LYS A 105 -24.23 -9.25 -4.30
N LYS A 106 -24.89 -8.33 -3.63
CA LYS A 106 -24.22 -7.20 -3.00
C LYS A 106 -24.61 -7.02 -1.54
N LEU A 107 -23.59 -6.94 -0.68
CA LEU A 107 -23.79 -6.73 0.75
C LEU A 107 -23.16 -5.40 1.15
N GLY A 108 -23.94 -4.58 1.85
CA GLY A 108 -23.40 -3.31 2.28
C GLY A 108 -23.08 -3.35 3.76
N ILE A 109 -22.06 -2.61 4.16
CA ILE A 109 -21.69 -2.52 5.57
C ILE A 109 -21.62 -1.01 5.79
N THR A 110 -22.49 -0.51 6.67
CA THR A 110 -22.58 0.92 6.92
C THR A 110 -23.20 1.18 8.30
N THR A 111 -23.25 2.43 8.72
CA THR A 111 -23.83 2.75 10.02
C THR A 111 -25.30 3.12 9.98
N ARG A 112 -25.83 3.34 8.77
CA ARG A 112 -27.23 3.75 8.65
C ARG A 112 -27.88 3.45 7.29
N GLU A 113 -29.22 3.46 7.28
CA GLU A 113 -29.96 3.26 6.04
C GLU A 113 -29.46 4.39 5.16
N SER A 114 -29.16 4.08 3.90
CA SER A 114 -28.57 5.07 3.02
C SER A 114 -28.69 4.68 1.56
N SER A 115 -28.07 5.49 0.70
CA SER A 115 -28.06 5.20 -0.73
C SER A 115 -27.46 3.81 -0.91
N LEU A 116 -26.45 3.49 -0.10
CA LEU A 116 -25.79 2.20 -0.19
C LEU A 116 -26.73 1.04 0.13
N THR A 117 -27.39 1.08 1.28
CA THR A 117 -28.29 -0.01 1.64
C THR A 117 -29.41 -0.15 0.62
N ARG A 118 -29.83 0.96 0.03
CA ARG A 118 -30.91 0.92 -0.94
C ARG A 118 -30.54 0.23 -2.26
N MET A 119 -29.25 0.10 -2.55
CA MET A 119 -28.84 -0.56 -3.78
C MET A 119 -28.21 -1.93 -3.55
N CYS A 120 -28.21 -2.39 -2.30
CA CYS A 120 -27.65 -3.70 -1.98
C CYS A 120 -28.76 -4.70 -1.72
N ASP A 121 -28.45 -6.00 -1.84
CA ASP A 121 -29.43 -7.06 -1.61
C ASP A 121 -29.73 -7.18 -0.12
N TYR A 122 -28.72 -6.87 0.68
CA TYR A 122 -28.84 -6.88 2.14
C TYR A 122 -27.67 -6.11 2.70
N SER A 123 -27.76 -5.71 3.95
CA SER A 123 -26.69 -4.95 4.57
C SER A 123 -26.53 -5.20 6.05
N LEU A 124 -25.34 -4.91 6.53
CA LEU A 124 -25.03 -5.01 7.95
C LEU A 124 -25.01 -3.55 8.38
N VAL A 125 -26.10 -3.11 8.99
CA VAL A 125 -26.21 -1.74 9.45
C VAL A 125 -25.83 -1.73 10.93
N VAL A 126 -24.58 -1.36 11.19
CA VAL A 126 -24.05 -1.33 12.55
C VAL A 126 -24.08 0.13 13.00
N PRO A 127 -25.01 0.47 13.90
CA PRO A 127 -25.17 1.84 14.42
C PRO A 127 -24.07 2.41 15.31
N ALA A 128 -22.82 2.31 14.87
CA ALA A 128 -21.71 2.88 15.62
C ALA A 128 -21.60 4.31 15.10
N ILE A 129 -22.58 5.13 15.48
CA ILE A 129 -22.69 6.52 15.05
C ILE A 129 -21.48 7.38 15.36
N GLU A 130 -21.03 8.15 14.37
CA GLU A 130 -19.88 9.02 14.55
C GLU A 130 -20.11 10.38 13.91
N GLU A 131 -19.87 11.44 14.69
CA GLU A 131 -20.01 12.79 14.20
C GLU A 131 -18.66 13.31 13.72
N SER A 132 -17.58 12.67 14.16
CA SER A 132 -16.25 13.08 13.73
C SER A 132 -16.05 12.73 12.27
N VAL A 133 -15.31 13.57 11.56
CA VAL A 133 -15.01 13.31 10.16
C VAL A 133 -14.12 12.07 10.10
N VAL A 134 -13.35 11.83 11.16
CA VAL A 134 -12.44 10.69 11.22
C VAL A 134 -13.13 9.46 11.80
N MET A 135 -13.08 8.36 11.06
CA MET A 135 -13.67 7.10 11.47
C MET A 135 -12.86 6.48 12.61
N THR A 136 -13.52 6.05 13.67
CA THR A 136 -12.82 5.41 14.77
C THR A 136 -13.47 4.08 15.16
N HIS A 137 -14.33 4.09 16.16
CA HIS A 137 -14.96 2.84 16.61
C HIS A 137 -15.84 2.11 15.59
N SER A 138 -16.26 2.80 14.53
CA SER A 138 -17.08 2.13 13.52
C SER A 138 -16.23 1.12 12.75
N PHE A 139 -14.94 1.38 12.61
CA PHE A 139 -14.04 0.47 11.91
C PHE A 139 -14.04 -0.87 12.65
N THR A 140 -13.81 -0.78 13.96
CA THR A 140 -13.76 -1.94 14.83
C THR A 140 -15.09 -2.67 14.92
N SER A 141 -16.18 -1.90 14.98
CA SER A 141 -17.52 -2.47 15.09
C SER A 141 -17.92 -3.19 13.80
N PHE A 142 -17.63 -2.58 12.65
CA PHE A 142 -17.92 -3.17 11.36
C PHE A 142 -17.17 -4.49 11.24
N TYR A 143 -15.88 -4.47 11.59
CA TYR A 143 -15.05 -5.66 11.50
C TYR A 143 -15.63 -6.82 12.31
N PHE A 144 -15.99 -6.56 13.56
CA PHE A 144 -16.52 -7.62 14.40
C PHE A 144 -17.84 -8.19 13.89
N ALA A 145 -18.74 -7.32 13.44
CA ALA A 145 -20.03 -7.79 12.93
C ALA A 145 -19.83 -8.73 11.76
N TYR A 146 -18.99 -8.33 10.80
CA TYR A 146 -18.74 -9.17 9.65
C TYR A 146 -17.98 -10.45 10.00
N LEU A 147 -17.00 -10.32 10.89
CA LEU A 147 -16.22 -11.48 11.30
C LEU A 147 -17.13 -12.56 11.88
N GLN A 148 -18.08 -12.15 12.73
CA GLN A 148 -19.01 -13.11 13.31
C GLN A 148 -19.80 -13.78 12.20
N LEU A 149 -20.29 -12.98 11.25
CA LEU A 149 -21.07 -13.51 10.14
C LEU A 149 -20.25 -14.48 9.29
N LEU A 150 -18.98 -14.14 9.07
CA LEU A 150 -18.08 -14.97 8.28
C LEU A 150 -17.87 -16.32 8.97
N ARG A 151 -17.55 -16.27 10.27
CA ARG A 151 -17.33 -17.51 11.02
C ARG A 151 -18.58 -18.37 10.97
N TYR A 152 -19.73 -17.74 11.19
CA TYR A 152 -21.01 -18.46 11.18
C TYR A 152 -21.26 -19.11 9.82
N SER A 153 -21.08 -18.34 8.76
CA SER A 153 -21.29 -18.82 7.40
C SER A 153 -20.36 -19.97 7.03
N TYR A 154 -19.14 -19.92 7.54
CA TYR A 154 -18.15 -20.95 7.26
C TYR A 154 -18.20 -22.13 8.22
N GLY A 155 -19.23 -22.16 9.08
CA GLY A 155 -19.41 -23.26 10.00
C GLY A 155 -18.53 -23.29 11.24
N LEU A 156 -17.97 -22.13 11.62
CA LEU A 156 -17.12 -22.06 12.79
C LEU A 156 -17.91 -21.57 13.99
N PRO A 157 -17.41 -21.88 15.21
CA PRO A 157 -18.10 -21.44 16.43
C PRO A 157 -18.04 -19.93 16.57
N PRO A 158 -19.02 -19.32 17.25
CA PRO A 158 -19.07 -17.88 17.44
C PRO A 158 -18.04 -17.35 18.42
N LEU A 159 -17.62 -16.10 18.22
CA LEU A 159 -16.65 -15.47 19.11
C LEU A 159 -17.44 -14.93 20.29
N ASN A 160 -16.76 -14.77 21.43
CA ASN A 160 -17.40 -14.26 22.64
C ASN A 160 -17.34 -12.73 22.60
N ALA A 161 -18.45 -12.09 22.23
CA ALA A 161 -18.50 -10.64 22.15
C ALA A 161 -18.14 -9.95 23.46
N GLY A 162 -18.62 -10.51 24.57
CA GLY A 162 -18.32 -9.92 25.87
C GLY A 162 -16.84 -9.87 26.16
N GLU A 163 -16.13 -10.96 25.83
CA GLU A 163 -14.70 -11.04 26.06
C GLU A 163 -13.94 -10.06 25.18
N ILE A 164 -14.38 -9.95 23.93
CA ILE A 164 -13.72 -9.04 23.00
C ILE A 164 -13.99 -7.59 23.41
N SER A 165 -15.21 -7.32 23.85
CA SER A 165 -15.57 -5.97 24.30
C SER A 165 -14.71 -5.61 25.49
N LYS A 166 -14.56 -6.54 26.43
CA LYS A 166 -13.75 -6.30 27.62
C LYS A 166 -12.30 -6.06 27.22
N ALA A 167 -11.84 -6.76 26.20
CA ALA A 167 -10.47 -6.59 25.74
C ALA A 167 -10.24 -5.15 25.28
N THR A 168 -11.23 -4.55 24.63
CA THR A 168 -11.07 -3.17 24.18
C THR A 168 -11.13 -2.21 25.36
N GLU A 169 -11.77 -2.63 26.45
CA GLU A 169 -11.83 -1.80 27.65
C GLU A 169 -10.40 -1.76 28.20
N LYS A 170 -9.69 -2.89 28.06
CA LYS A 170 -8.30 -2.95 28.52
C LYS A 170 -7.44 -2.00 27.69
N SER A 171 -7.71 -1.91 26.40
CA SER A 171 -6.97 -1.01 25.53
C SER A 171 -7.15 0.43 26.02
N LEU A 172 -8.39 0.77 26.35
CA LEU A 172 -8.69 2.12 26.82
C LEU A 172 -8.03 2.47 28.14
N GLU A 173 -7.62 1.47 28.91
CA GLU A 173 -6.94 1.73 30.19
C GLU A 173 -5.57 2.36 29.95
N TYR A 174 -5.09 2.29 28.71
CA TYR A 174 -3.79 2.84 28.35
C TYR A 174 -3.86 4.32 27.96
N GLU A 175 -5.04 4.93 28.07
CA GLU A 175 -5.20 6.33 27.70
C GLU A 175 -4.16 7.26 28.34
N ARG A 176 -3.97 7.15 29.65
CA ARG A 176 -3.01 8.01 30.32
C ARG A 176 -1.60 7.78 29.81
N TYR A 177 -1.22 6.51 29.68
CA TYR A 177 0.10 6.14 29.21
C TYR A 177 0.38 6.75 27.83
N ILE A 178 -0.59 6.62 26.93
CA ILE A 178 -0.49 7.14 25.58
C ILE A 178 -0.38 8.67 25.58
N ARG A 179 -1.22 9.33 26.37
CA ARG A 179 -1.19 10.77 26.47
C ARG A 179 0.18 11.24 26.94
N GLU A 180 0.75 10.55 27.93
CA GLU A 180 2.05 10.93 28.44
C GLU A 180 3.19 10.70 27.46
N ILE A 181 3.06 9.72 26.57
CA ILE A 181 4.08 9.50 25.56
C ILE A 181 4.05 10.73 24.65
N VAL A 182 2.85 11.13 24.24
CA VAL A 182 2.68 12.29 23.38
C VAL A 182 3.21 13.57 24.04
N GLU A 183 3.00 13.71 25.34
CA GLU A 183 3.45 14.89 26.05
C GLU A 183 4.96 14.91 26.30
N SER A 184 5.58 13.73 26.34
CA SER A 184 7.02 13.63 26.61
C SER A 184 7.93 13.60 25.38
N PHE A 185 7.55 12.82 24.36
CA PHE A 185 8.36 12.70 23.16
C PHE A 185 7.69 13.39 21.99
N ASP A 186 8.19 14.57 21.63
CA ASP A 186 7.62 15.34 20.54
C ASP A 186 8.09 14.86 19.17
N PHE A 187 7.63 13.67 18.78
CA PHE A 187 8.03 13.12 17.49
C PHE A 187 7.49 13.97 16.35
N GLN A 188 8.25 14.04 15.27
CA GLN A 188 7.90 14.83 14.09
C GLN A 188 7.36 13.98 12.95
N ASN A 189 7.60 12.67 13.03
CA ASN A 189 7.06 11.74 12.04
C ASN A 189 6.92 10.40 12.75
N ILE A 190 6.19 9.47 12.13
CA ILE A 190 5.92 8.20 12.78
C ILE A 190 5.74 7.10 11.75
N ILE A 191 6.11 5.88 12.13
CA ILE A 191 5.97 4.72 11.26
C ILE A 191 5.25 3.61 12.01
N PHE A 192 4.19 3.08 11.43
CA PHE A 192 3.44 1.98 12.03
C PHE A 192 3.82 0.70 11.30
N LEU A 193 4.09 -0.36 12.06
CA LEU A 193 4.50 -1.64 11.48
C LEU A 193 3.58 -2.78 11.95
N GLY A 194 3.23 -3.65 11.03
CA GLY A 194 2.39 -4.80 11.35
C GLY A 194 2.44 -5.81 10.22
N SER A 195 2.17 -7.07 10.54
CA SER A 195 2.19 -8.14 9.55
C SER A 195 0.87 -8.89 9.58
N GLY A 196 0.48 -9.47 8.45
CA GLY A 196 -0.77 -10.20 8.41
C GLY A 196 -1.93 -9.27 8.72
N LEU A 197 -2.85 -9.71 9.57
CA LEU A 197 -3.99 -8.88 9.91
C LEU A 197 -3.61 -7.54 10.53
N LEU A 198 -2.42 -7.46 11.12
CA LEU A 198 -2.00 -6.21 11.71
C LEU A 198 -1.44 -5.22 10.70
N TYR A 199 -1.24 -5.65 9.45
CA TYR A 199 -0.76 -4.71 8.44
C TYR A 199 -1.89 -3.73 8.11
N PRO A 200 -3.12 -4.21 7.83
CA PRO A 200 -4.17 -3.23 7.55
C PRO A 200 -4.41 -2.32 8.75
N VAL A 201 -4.15 -2.82 9.96
CA VAL A 201 -4.31 -2.00 11.15
C VAL A 201 -3.25 -0.91 11.14
N ALA A 202 -2.05 -1.24 10.68
CA ALA A 202 -0.97 -0.25 10.59
C ALA A 202 -1.35 0.82 9.56
N LEU A 203 -1.93 0.39 8.44
CA LEU A 203 -2.36 1.34 7.41
C LEU A 203 -3.43 2.28 7.96
N GLU A 204 -4.40 1.71 8.68
CA GLU A 204 -5.46 2.52 9.27
C GLU A 204 -4.90 3.47 10.33
N ALA A 205 -3.99 2.97 11.16
CA ALA A 205 -3.38 3.80 12.20
C ALA A 205 -2.69 5.00 11.55
N SER A 206 -1.97 4.75 10.47
CA SER A 206 -1.26 5.81 9.78
C SER A 206 -2.24 6.85 9.25
N LEU A 207 -3.37 6.40 8.71
CA LEU A 207 -4.36 7.34 8.20
C LEU A 207 -4.96 8.17 9.32
N LYS A 208 -5.19 7.56 10.48
CA LYS A 208 -5.74 8.29 11.63
C LYS A 208 -4.80 9.42 12.00
N MET A 209 -3.51 9.12 12.05
CA MET A 209 -2.51 10.13 12.41
C MET A 209 -2.47 11.23 11.34
N LYS A 210 -2.57 10.81 10.09
CA LYS A 210 -2.55 11.73 8.95
C LYS A 210 -3.73 12.70 8.98
N GLU A 211 -4.94 12.16 9.15
CA GLU A 211 -6.15 12.98 9.20
C GLU A 211 -6.28 13.82 10.46
N MET A 212 -6.14 13.19 11.61
CA MET A 212 -6.28 13.89 12.88
C MET A 212 -5.18 14.91 13.15
N SER A 213 -3.95 14.55 12.84
CA SER A 213 -2.85 15.44 13.22
C SER A 213 -2.13 16.12 12.02
N ILE A 214 -2.74 15.99 10.82
CA ILE A 214 -2.08 16.53 9.61
C ILE A 214 -0.57 16.22 9.60
N PHE A 215 -0.29 14.91 9.75
CA PHE A 215 1.04 14.47 10.17
C PHE A 215 1.73 13.58 9.13
N TRP A 216 3.06 13.54 9.26
CA TRP A 216 3.89 12.70 8.41
C TRP A 216 3.91 11.33 9.08
N SER A 217 3.05 10.44 8.57
CA SER A 217 2.93 9.09 9.10
C SER A 217 3.02 8.10 7.96
N GLU A 218 3.65 6.95 8.22
CA GLU A 218 3.80 5.91 7.22
C GLU A 218 3.49 4.56 7.85
N ALA A 219 3.19 3.57 7.01
CA ALA A 219 2.86 2.23 7.49
C ALA A 219 3.40 1.19 6.51
N TYR A 220 3.95 0.11 7.06
CA TYR A 220 4.52 -0.96 6.25
C TYR A 220 4.40 -2.33 6.86
N PRO A 221 4.50 -3.37 6.03
CA PRO A 221 4.44 -4.74 6.56
C PRO A 221 5.73 -4.74 7.37
N THR A 222 5.67 -5.22 8.60
CA THR A 222 6.81 -5.21 9.52
C THR A 222 8.23 -5.17 8.97
N PHE A 223 8.67 -6.25 8.33
CA PHE A 223 10.05 -6.29 7.87
C PHE A 223 10.36 -5.60 6.55
N GLU A 224 9.32 -5.23 5.80
CA GLU A 224 9.52 -4.53 4.54
C GLU A 224 10.20 -3.18 4.78
N VAL A 225 9.99 -2.62 5.96
CA VAL A 225 10.55 -1.31 6.28
C VAL A 225 12.07 -1.18 6.16
N ARG A 226 12.80 -2.28 6.27
CA ARG A 226 14.26 -2.24 6.14
C ARG A 226 14.71 -1.93 4.72
N HIS A 227 13.82 -2.17 3.76
CA HIS A 227 14.15 -1.95 2.36
C HIS A 227 13.97 -0.53 1.88
N GLY A 228 14.83 0.36 2.39
CA GLY A 228 14.79 1.75 1.99
C GLY A 228 13.93 2.69 2.82
N PHE A 229 12.71 2.25 3.14
CA PHE A 229 11.78 3.06 3.89
C PHE A 229 12.33 3.59 5.21
N LYS A 230 13.12 2.77 5.89
CA LYS A 230 13.68 3.16 7.20
C LYS A 230 14.61 4.37 7.15
N ALA A 231 15.00 4.79 5.96
CA ALA A 231 15.90 5.93 5.83
C ALA A 231 15.36 7.22 6.47
N ILE A 232 14.04 7.33 6.56
CA ILE A 232 13.45 8.54 7.14
C ILE A 232 13.16 8.51 8.64
N ALA A 233 13.70 7.50 9.32
CA ALA A 233 13.51 7.39 10.77
C ALA A 233 14.77 7.77 11.52
N ASP A 234 14.68 8.77 12.39
CA ASP A 234 15.82 9.18 13.21
C ASP A 234 15.37 9.60 14.60
N GLU A 235 16.13 10.46 15.26
CA GLU A 235 15.80 10.84 16.64
C GLU A 235 14.46 11.60 16.76
N LYS A 236 13.90 12.03 15.62
CA LYS A 236 12.60 12.71 15.67
C LYS A 236 11.42 11.78 15.37
N THR A 237 11.74 10.46 15.23
CA THR A 237 10.72 9.49 14.81
C THR A 237 10.28 8.56 15.93
N LEU A 238 8.99 8.25 15.91
CA LEU A 238 8.43 7.25 16.81
C LEU A 238 8.07 6.09 15.90
N VAL A 239 8.56 4.91 16.23
CA VAL A 239 8.22 3.72 15.45
C VAL A 239 7.29 2.90 16.33
N VAL A 240 6.14 2.54 15.76
CA VAL A 240 5.15 1.76 16.48
C VAL A 240 5.07 0.36 15.86
N LEU A 241 5.59 -0.62 16.58
CA LEU A 241 5.59 -2.00 16.14
C LEU A 241 4.45 -2.77 16.78
N MET A 242 3.55 -3.29 15.96
CA MET A 242 2.42 -4.05 16.45
C MET A 242 2.66 -5.51 16.08
N VAL A 243 2.73 -6.37 17.09
CA VAL A 243 3.01 -7.78 16.86
C VAL A 243 2.39 -8.69 17.92
N GLU A 244 1.74 -9.75 17.46
CA GLU A 244 1.09 -10.69 18.37
C GLU A 244 2.10 -11.56 19.10
N GLU A 245 2.95 -12.25 18.33
CA GLU A 245 3.97 -13.14 18.86
C GLU A 245 5.33 -12.78 18.26
N PRO A 246 6.09 -11.92 18.93
CA PRO A 246 7.39 -11.54 18.39
C PRO A 246 8.45 -12.63 18.46
N PHE A 247 9.43 -12.56 17.57
CA PHE A 247 10.53 -13.51 17.57
C PHE A 247 11.83 -12.73 17.41
N GLU A 248 12.95 -13.43 17.27
CA GLU A 248 14.25 -12.79 17.16
C GLU A 248 14.36 -11.59 16.21
N TRP A 249 13.77 -11.71 15.03
CA TRP A 249 13.84 -10.62 14.06
C TRP A 249 13.22 -9.32 14.59
N HIS A 250 12.18 -9.45 15.43
CA HIS A 250 11.55 -8.24 15.97
C HIS A 250 12.48 -7.49 16.91
N GLU A 251 13.23 -8.23 17.72
CA GLU A 251 14.16 -7.59 18.64
C GLU A 251 15.23 -6.86 17.85
N LYS A 252 15.74 -7.52 16.81
CA LYS A 252 16.76 -6.92 15.96
C LYS A 252 16.23 -5.65 15.29
N LEU A 253 14.99 -5.69 14.83
CA LEU A 253 14.38 -4.55 14.16
C LEU A 253 14.23 -3.35 15.13
N VAL A 254 13.78 -3.64 16.35
CA VAL A 254 13.62 -2.59 17.35
C VAL A 254 14.97 -1.93 17.60
N LYS A 255 16.00 -2.75 17.81
CA LYS A 255 17.34 -2.23 18.07
C LYS A 255 17.87 -1.44 16.88
N GLU A 256 17.55 -1.89 15.68
CA GLU A 256 18.00 -1.20 14.47
C GLU A 256 17.44 0.23 14.45
N PHE A 257 16.17 0.39 14.77
CA PHE A 257 15.58 1.72 14.78
C PHE A 257 16.16 2.57 15.91
N LYS A 258 16.40 1.97 17.06
CA LYS A 258 16.96 2.74 18.17
C LYS A 258 18.38 3.17 17.80
N ASN A 259 19.08 2.36 17.02
CA ASN A 259 20.43 2.73 16.59
C ASN A 259 20.42 3.95 15.66
N GLN A 260 19.26 4.15 15.00
CA GLN A 260 19.09 5.32 14.14
C GLN A 260 18.66 6.56 14.94
N GLY A 261 18.36 6.32 16.24
CA GLY A 261 18.01 7.44 17.12
C GLY A 261 16.52 7.47 17.45
N ALA A 262 15.72 6.68 16.73
CA ALA A 262 14.27 6.68 16.95
C ALA A 262 13.86 6.01 18.24
N LYS A 263 12.68 6.37 18.73
CA LYS A 263 12.15 5.73 19.92
C LYS A 263 11.14 4.72 19.40
N VAL A 264 10.98 3.63 20.14
CA VAL A 264 10.07 2.57 19.70
C VAL A 264 9.00 2.19 20.72
N LEU A 265 7.76 2.17 20.24
CA LEU A 265 6.63 1.76 21.04
C LEU A 265 6.22 0.40 20.48
N VAL A 266 6.16 -0.60 21.36
CA VAL A 266 5.74 -1.93 20.92
C VAL A 266 4.36 -2.19 21.52
N ILE A 267 3.41 -2.52 20.65
CA ILE A 267 2.06 -2.86 21.08
C ILE A 267 2.02 -4.35 20.74
N SER A 268 1.83 -5.19 21.75
CA SER A 268 1.88 -6.62 21.47
C SER A 268 1.00 -7.42 22.43
N ASN A 269 0.84 -8.72 22.13
CA ASN A 269 0.18 -9.63 23.05
C ASN A 269 1.19 -10.45 23.84
N SER A 270 2.45 -9.94 23.86
CA SER A 270 3.51 -10.64 24.56
C SER A 270 4.22 -9.73 25.59
N PRO A 271 4.65 -10.37 26.70
CA PRO A 271 5.35 -9.67 27.76
C PRO A 271 6.85 -9.54 27.47
N GLN A 272 7.28 -10.02 26.32
CA GLN A 272 8.72 -10.01 25.98
C GLN A 272 9.26 -8.58 25.78
N ASP A 273 10.42 -8.36 26.40
CA ASP A 273 11.14 -7.11 26.20
C ASP A 273 12.03 -7.22 24.97
N LEU A 274 11.61 -6.48 23.93
CA LEU A 274 12.37 -6.43 22.69
C LEU A 274 13.34 -5.24 22.66
N GLY A 275 13.38 -4.48 23.77
CA GLY A 275 14.26 -3.32 23.82
C GLY A 275 13.52 -2.00 23.59
N GLN A 276 12.19 -2.10 23.50
CA GLN A 276 11.36 -0.93 23.26
C GLN A 276 11.40 0.13 24.37
N ASP A 277 11.13 1.37 23.99
CA ASP A 277 11.10 2.49 24.92
C ASP A 277 9.76 2.55 25.63
N TYR A 278 8.71 2.20 24.91
CA TYR A 278 7.35 2.21 25.44
C TYR A 278 6.71 0.85 25.14
N SER A 279 5.86 0.37 26.05
CA SER A 279 5.23 -0.92 25.85
C SER A 279 3.76 -0.95 26.22
N ILE A 280 2.96 -1.53 25.33
CA ILE A 280 1.54 -1.67 25.55
C ILE A 280 1.17 -3.12 25.26
N GLU A 281 0.80 -3.84 26.32
CA GLU A 281 0.42 -5.25 26.23
C GLU A 281 -1.09 -5.39 26.23
N LEU A 282 -1.62 -6.06 25.21
CA LEU A 282 -3.06 -6.26 25.04
C LEU A 282 -3.47 -7.72 25.21
N PRO A 283 -4.73 -7.96 25.60
CA PRO A 283 -5.22 -9.33 25.78
C PRO A 283 -5.19 -10.10 24.47
N ARG A 284 -4.64 -11.31 24.50
CA ARG A 284 -4.58 -12.11 23.28
C ARG A 284 -5.93 -12.77 23.07
N LEU A 285 -6.42 -12.71 21.82
CA LEU A 285 -7.71 -13.28 21.48
C LEU A 285 -7.57 -14.26 20.33
N SER A 286 -8.70 -14.80 19.87
CA SER A 286 -8.72 -15.71 18.74
C SER A 286 -7.95 -14.96 17.65
N LYS A 287 -7.15 -15.67 16.87
CA LYS A 287 -6.33 -15.04 15.84
C LYS A 287 -7.06 -14.01 14.98
N ASP A 288 -8.28 -14.32 14.55
CA ASP A 288 -9.04 -13.41 13.72
C ASP A 288 -9.54 -12.15 14.45
N ALA A 289 -9.85 -12.28 15.73
CA ALA A 289 -10.34 -11.14 16.51
C ALA A 289 -9.22 -10.37 17.20
N ASN A 290 -8.03 -10.97 17.26
CA ASN A 290 -6.89 -10.36 17.94
C ASN A 290 -6.52 -8.92 17.56
N PRO A 291 -6.74 -8.51 16.30
CA PRO A 291 -6.39 -7.13 15.95
C PRO A 291 -7.30 -6.06 16.58
N ILE A 292 -8.49 -6.46 16.97
CA ILE A 292 -9.46 -5.53 17.52
C ILE A 292 -8.96 -4.58 18.63
N PRO A 293 -8.33 -5.12 19.68
CA PRO A 293 -7.84 -4.23 20.76
C PRO A 293 -6.77 -3.22 20.34
N TYR A 294 -6.11 -3.46 19.20
CA TYR A 294 -5.07 -2.57 18.71
C TYR A 294 -5.63 -1.25 18.19
N LEU A 295 -6.84 -1.29 17.64
CA LEU A 295 -7.44 -0.09 17.07
C LEU A 295 -7.63 1.08 18.03
N PRO A 296 -8.23 0.86 19.20
CA PRO A 296 -8.38 2.01 20.09
C PRO A 296 -7.04 2.59 20.52
N ILE A 297 -6.00 1.76 20.57
CA ILE A 297 -4.68 2.25 20.97
C ILE A 297 -4.16 3.26 19.94
N VAL A 298 -4.16 2.88 18.67
CA VAL A 298 -3.65 3.79 17.64
C VAL A 298 -4.55 5.01 17.44
N GLN A 299 -5.85 4.85 17.70
CA GLN A 299 -6.78 5.97 17.58
C GLN A 299 -6.49 6.98 18.69
N LEU A 300 -6.23 6.49 19.90
CA LEU A 300 -5.93 7.39 21.02
C LEU A 300 -4.61 8.12 20.78
N LEU A 301 -3.63 7.41 20.24
CA LEU A 301 -2.33 8.01 19.97
C LEU A 301 -2.48 9.17 18.97
N SER A 302 -3.25 8.94 17.93
CA SER A 302 -3.48 9.98 16.92
C SER A 302 -4.28 11.14 17.49
N TYR A 303 -5.26 10.84 18.34
CA TYR A 303 -6.07 11.89 18.93
C TYR A 303 -5.24 12.82 19.81
N TYR A 304 -4.47 12.24 20.72
CA TYR A 304 -3.67 13.06 21.60
C TYR A 304 -2.56 13.82 20.86
N LYS A 305 -2.02 13.24 19.81
CA LYS A 305 -0.99 13.96 19.06
C LYS A 305 -1.65 15.18 18.42
N ALA A 306 -2.87 14.98 17.90
CA ALA A 306 -3.61 16.08 17.27
C ALA A 306 -3.84 17.22 18.26
N VAL A 307 -4.32 16.89 19.45
CA VAL A 307 -4.57 17.90 20.46
C VAL A 307 -3.28 18.62 20.85
N SER A 308 -2.18 17.88 20.91
CA SER A 308 -0.90 18.49 21.28
C SER A 308 -0.42 19.49 20.23
N ARG A 309 -0.99 19.41 19.03
CA ARG A 309 -0.65 20.32 17.95
C ARG A 309 -1.71 21.40 17.73
N GLY A 310 -2.70 21.44 18.61
CA GLY A 310 -3.76 22.42 18.51
C GLY A 310 -4.68 22.20 17.32
N LEU A 311 -4.79 20.95 16.89
CA LEU A 311 -5.62 20.60 15.75
C LEU A 311 -6.94 19.97 16.21
N ASN A 312 -7.98 20.14 15.40
CA ASN A 312 -9.29 19.60 15.71
C ASN A 312 -9.52 18.32 14.92
N PRO A 313 -9.40 17.16 15.58
CA PRO A 313 -9.60 15.87 14.90
C PRO A 313 -11.00 15.66 14.37
N ASP A 314 -11.98 16.37 14.93
CA ASP A 314 -13.37 16.26 14.49
C ASP A 314 -13.58 16.79 13.08
N ASN A 315 -12.79 17.81 12.71
CA ASN A 315 -12.90 18.42 11.39
C ASN A 315 -11.54 18.81 10.84
N PRO A 316 -10.78 17.83 10.33
CA PRO A 316 -9.45 18.15 9.77
C PRO A 316 -9.58 19.10 8.59
N ARG A 317 -8.59 19.95 8.39
CA ARG A 317 -8.63 20.89 7.28
C ARG A 317 -8.79 20.14 5.97
N PHE A 318 -9.48 20.78 5.03
CA PHE A 318 -9.71 20.25 3.68
C PHE A 318 -10.60 19.02 3.53
N LEU A 319 -10.93 18.35 4.62
CA LEU A 319 -11.74 17.13 4.50
C LEU A 319 -13.24 17.28 4.62
N ASP A 320 -13.95 16.49 3.81
CA ASP A 320 -15.41 16.46 3.85
C ASP A 320 -15.75 15.15 4.55
N LYS A 321 -16.85 15.13 5.30
CA LYS A 321 -17.22 13.91 6.01
C LYS A 321 -17.51 12.80 4.99
N VAL A 322 -18.07 13.18 3.85
CA VAL A 322 -18.38 12.23 2.78
C VAL A 322 -17.80 12.77 1.47
N VAL A 323 -17.01 11.93 0.80
CA VAL A 323 -16.41 12.30 -0.47
C VAL A 323 -17.41 12.00 -1.59
N ARG A 324 -17.82 13.05 -2.30
CA ARG A 324 -18.76 12.90 -3.40
C ARG A 324 -18.18 13.46 -4.70
N TRP A 325 -18.74 13.01 -5.81
CA TRP A 325 -18.34 13.48 -7.15
C TRP A 325 -19.63 13.81 -7.91
N LYS B 2 26.86 8.04 -9.25
CA LYS B 2 26.50 6.87 -10.10
C LYS B 2 25.00 6.77 -10.36
N THR B 3 24.19 7.25 -9.42
CA THR B 3 22.74 7.19 -9.58
C THR B 3 22.26 7.85 -10.87
N LEU B 4 22.77 9.04 -11.17
CA LEU B 4 22.37 9.75 -12.39
C LEU B 4 22.84 9.01 -13.64
N ILE B 5 24.09 8.54 -13.62
CA ILE B 5 24.63 7.80 -14.74
C ILE B 5 23.75 6.58 -15.01
N GLU B 6 23.38 5.89 -13.93
CA GLU B 6 22.55 4.71 -14.06
C GLU B 6 21.14 5.00 -14.59
N ILE B 7 20.55 6.13 -14.16
CA ILE B 7 19.23 6.50 -14.68
C ILE B 7 19.35 6.72 -16.19
N LYS B 8 20.44 7.36 -16.61
CA LYS B 8 20.64 7.68 -18.02
C LYS B 8 20.98 6.45 -18.89
N GLN B 9 21.22 5.31 -18.22
CA GLN B 9 21.49 4.09 -18.98
C GLN B 9 20.19 3.33 -19.33
N THR B 10 19.04 3.97 -18.99
CA THR B 10 17.76 3.30 -19.22
C THR B 10 17.56 2.91 -20.68
N PRO B 11 17.89 3.77 -21.66
CA PRO B 11 17.70 3.37 -23.05
C PRO B 11 18.44 2.07 -23.39
N ASP B 12 19.70 1.98 -22.98
CA ASP B 12 20.48 0.79 -23.25
C ASP B 12 19.95 -0.41 -22.45
N GLY B 13 19.42 -0.13 -21.26
CA GLY B 13 18.86 -1.20 -20.45
C GLY B 13 17.72 -1.91 -21.15
N ILE B 14 16.93 -1.15 -21.90
CA ILE B 14 15.81 -1.71 -22.65
C ILE B 14 16.33 -2.67 -23.70
N ILE B 15 17.41 -2.27 -24.38
CA ILE B 15 18.01 -3.11 -25.41
C ILE B 15 18.59 -4.38 -24.79
N LYS B 16 19.27 -4.23 -23.67
CA LYS B 16 19.86 -5.38 -22.97
C LYS B 16 18.74 -6.34 -22.58
N ALA B 17 17.64 -5.78 -22.10
CA ALA B 17 16.49 -6.56 -21.68
C ALA B 17 15.91 -7.38 -22.84
N ASP B 18 15.83 -6.76 -24.01
CA ASP B 18 15.30 -7.45 -25.19
C ASP B 18 16.19 -8.63 -25.57
N LYS B 19 17.50 -8.45 -25.43
CA LYS B 19 18.44 -9.51 -25.77
C LYS B 19 18.26 -10.71 -24.85
N VAL B 20 18.10 -10.43 -23.56
CA VAL B 20 17.91 -11.51 -22.59
C VAL B 20 16.61 -12.25 -22.87
N PHE B 21 15.56 -11.49 -23.15
CA PHE B 21 14.27 -12.07 -23.48
C PHE B 21 14.40 -13.07 -24.62
N ASN B 22 15.04 -12.64 -25.70
CA ASN B 22 15.21 -13.49 -26.86
C ASN B 22 16.04 -14.74 -26.61
N LYS B 23 16.96 -14.66 -25.65
CA LYS B 23 17.80 -15.81 -25.33
C LYS B 23 17.05 -16.89 -24.54
N VAL B 24 16.07 -16.48 -23.74
CA VAL B 24 15.33 -17.43 -22.92
C VAL B 24 13.89 -17.72 -23.31
N LYS B 25 13.34 -16.93 -24.24
CA LYS B 25 11.94 -17.09 -24.62
C LYS B 25 11.45 -18.49 -24.99
N ASP B 26 12.30 -19.33 -25.58
CA ASP B 26 11.85 -20.66 -25.94
C ASP B 26 12.29 -21.72 -24.94
N LYS B 27 12.75 -21.26 -23.77
CA LYS B 27 13.20 -22.16 -22.71
C LYS B 27 12.19 -22.24 -21.56
N ILE B 28 11.36 -21.21 -21.44
CA ILE B 28 10.35 -21.21 -20.39
C ILE B 28 9.11 -20.47 -20.84
N SER B 29 7.95 -21.12 -20.69
CA SER B 29 6.68 -20.54 -21.06
C SER B 29 5.94 -20.19 -19.78
N LEU B 30 5.68 -18.91 -19.59
CA LEU B 30 4.98 -18.44 -18.40
C LEU B 30 3.54 -18.93 -18.41
N PRO B 31 3.08 -19.50 -17.29
CA PRO B 31 1.72 -20.04 -17.17
C PRO B 31 0.66 -19.00 -16.81
N ASN B 32 -0.54 -19.47 -16.52
CA ASN B 32 -1.65 -18.60 -16.17
C ASN B 32 -1.59 -18.07 -14.74
N ARG B 33 -1.35 -18.95 -13.78
CA ARG B 33 -1.29 -18.56 -12.38
C ARG B 33 0.15 -18.33 -11.92
N ILE B 34 0.49 -17.07 -11.65
CA ILE B 34 1.84 -16.73 -11.22
C ILE B 34 1.90 -15.91 -9.94
N LEU B 35 2.82 -16.29 -9.06
CA LEU B 35 3.05 -15.61 -7.79
C LEU B 35 4.34 -14.82 -7.93
N TYR B 36 4.30 -13.54 -7.57
CA TYR B 36 5.46 -12.66 -7.67
C TYR B 36 5.91 -12.23 -6.28
N LEU B 37 7.19 -12.46 -5.99
CA LEU B 37 7.77 -12.11 -4.69
C LEU B 37 8.97 -11.19 -4.83
N GLY B 38 9.04 -10.20 -3.95
CA GLY B 38 10.15 -9.25 -3.96
C GLY B 38 10.05 -8.36 -2.73
N CYS B 39 11.14 -7.65 -2.42
CA CYS B 39 11.18 -6.76 -1.27
C CYS B 39 11.47 -5.33 -1.74
N GLY B 40 10.88 -4.35 -1.06
CA GLY B 40 11.12 -2.95 -1.42
C GLY B 40 10.75 -2.64 -2.86
N SER B 41 11.66 -2.03 -3.60
CA SER B 41 11.41 -1.70 -4.99
C SER B 41 11.06 -2.95 -5.78
N SER B 42 11.67 -4.08 -5.41
CA SER B 42 11.38 -5.33 -6.11
C SER B 42 9.98 -5.81 -5.79
N HIS B 43 9.41 -5.34 -4.69
CA HIS B 43 8.03 -5.71 -4.36
C HIS B 43 7.13 -4.88 -5.28
N PHE B 44 7.46 -3.61 -5.44
CA PHE B 44 6.66 -2.76 -6.30
C PHE B 44 6.73 -3.26 -7.74
N LEU B 45 7.88 -3.79 -8.15
CA LEU B 45 7.99 -4.34 -9.50
C LEU B 45 7.13 -5.59 -9.57
N SER B 46 7.13 -6.37 -8.48
CA SER B 46 6.31 -7.58 -8.42
C SER B 46 4.83 -7.23 -8.60
N LYS B 47 4.40 -6.14 -7.97
CA LYS B 47 3.01 -5.70 -8.09
C LYS B 47 2.72 -5.32 -9.53
N LEU B 48 3.65 -4.61 -10.16
CA LEU B 48 3.50 -4.20 -11.54
C LEU B 48 3.39 -5.43 -12.45
N LEU B 49 4.26 -6.42 -12.23
CA LEU B 49 4.22 -7.62 -13.06
C LEU B 49 2.92 -8.39 -12.85
N ALA B 50 2.45 -8.45 -11.60
CA ALA B 50 1.21 -9.14 -11.31
C ALA B 50 0.07 -8.44 -12.04
N MET B 51 0.08 -7.11 -12.02
CA MET B 51 -0.96 -6.34 -12.68
C MET B 51 -1.01 -6.56 -14.18
N VAL B 52 0.15 -6.53 -14.83
CA VAL B 52 0.16 -6.72 -16.27
C VAL B 52 -0.21 -8.16 -16.62
N THR B 53 0.05 -9.09 -15.70
CA THR B 53 -0.31 -10.49 -15.92
C THR B 53 -1.83 -10.56 -15.95
N ASN B 54 -2.48 -9.87 -15.02
CA ASN B 54 -3.93 -9.85 -14.99
C ASN B 54 -4.47 -9.14 -16.21
N MET B 55 -3.83 -8.05 -16.60
CA MET B 55 -4.25 -7.28 -17.78
C MET B 55 -4.27 -8.16 -19.03
N HIS B 56 -3.30 -9.06 -19.15
CA HIS B 56 -3.22 -9.93 -20.32
C HIS B 56 -3.99 -11.24 -20.23
N GLY B 57 -4.87 -11.36 -19.23
CA GLY B 57 -5.66 -12.56 -19.11
C GLY B 57 -5.22 -13.63 -18.15
N GLY B 58 -4.07 -13.44 -17.51
CA GLY B 58 -3.59 -14.42 -16.56
C GLY B 58 -4.06 -14.06 -15.17
N LEU B 59 -3.47 -14.70 -14.17
CA LEU B 59 -3.82 -14.43 -12.78
C LEU B 59 -2.53 -14.21 -12.01
N GLY B 60 -2.23 -12.95 -11.72
CA GLY B 60 -1.01 -12.62 -11.00
C GLY B 60 -1.25 -12.08 -9.61
N ILE B 61 -0.45 -12.56 -8.67
CA ILE B 61 -0.54 -12.14 -7.27
C ILE B 61 0.85 -11.75 -6.81
N ALA B 62 0.97 -10.63 -6.11
CA ALA B 62 2.25 -10.16 -5.60
C ALA B 62 2.19 -9.96 -4.09
N LEU B 63 3.27 -10.35 -3.41
CA LEU B 63 3.36 -10.22 -1.97
C LEU B 63 4.77 -9.86 -1.56
N PRO B 64 4.94 -9.05 -0.51
CA PRO B 64 6.30 -8.71 -0.07
C PRO B 64 6.89 -10.01 0.46
N CYS B 65 8.19 -10.22 0.25
CA CYS B 65 8.82 -11.45 0.70
C CYS B 65 8.53 -11.86 2.14
N SER B 66 8.65 -10.92 3.08
CA SER B 66 8.42 -11.26 4.47
C SER B 66 6.97 -11.61 4.80
N GLU B 67 6.02 -11.06 4.04
CA GLU B 67 4.61 -11.39 4.29
C GLU B 67 4.37 -12.82 3.84
N PHE B 68 5.06 -13.24 2.79
CA PHE B 68 4.94 -14.62 2.31
C PHE B 68 5.58 -15.54 3.33
N LEU B 69 6.72 -15.12 3.86
CA LEU B 69 7.46 -15.92 4.84
C LEU B 69 6.72 -16.15 6.14
N TYR B 70 6.09 -15.11 6.68
CA TYR B 70 5.45 -15.20 7.98
C TYR B 70 3.93 -15.09 8.08
N SER B 71 3.26 -14.67 7.00
CA SER B 71 1.82 -14.52 7.06
C SER B 71 1.12 -14.88 5.75
N LYS B 72 1.57 -15.93 5.10
CA LYS B 72 0.98 -16.32 3.82
C LYS B 72 -0.51 -16.65 3.87
N GLU B 73 -0.97 -17.15 5.02
CA GLU B 73 -2.38 -17.54 5.17
C GLU B 73 -3.40 -16.42 4.97
N THR B 74 -2.95 -15.17 5.13
CA THR B 74 -3.86 -14.03 4.98
C THR B 74 -3.93 -13.53 3.54
N TYR B 75 -3.20 -14.16 2.64
CA TYR B 75 -3.18 -13.74 1.24
C TYR B 75 -3.82 -14.74 0.29
N PRO B 76 -4.49 -14.23 -0.77
CA PRO B 76 -5.16 -15.03 -1.79
C PRO B 76 -4.20 -15.64 -2.82
N ILE B 77 -3.28 -16.46 -2.35
CA ILE B 77 -2.30 -17.08 -3.23
C ILE B 77 -2.89 -18.22 -4.05
N GLY B 78 -3.55 -19.16 -3.37
CA GLY B 78 -4.15 -20.29 -4.07
C GLY B 78 -3.11 -21.16 -4.75
N GLU B 79 -3.51 -21.80 -5.85
CA GLU B 79 -2.60 -22.65 -6.60
C GLU B 79 -1.65 -21.82 -7.44
N VAL B 80 -0.37 -22.18 -7.41
CA VAL B 80 0.66 -21.46 -8.15
C VAL B 80 1.33 -22.38 -9.17
N GLU B 81 1.40 -21.93 -10.42
CA GLU B 81 2.04 -22.70 -11.47
C GLU B 81 3.49 -22.27 -11.65
N LEU B 82 3.78 -21.04 -11.22
CA LEU B 82 5.14 -20.50 -11.30
C LEU B 82 5.34 -19.44 -10.22
N ALA B 83 6.49 -19.48 -9.56
CA ALA B 83 6.83 -18.49 -8.55
C ALA B 83 7.97 -17.68 -9.12
N VAL B 84 7.80 -16.36 -9.14
CA VAL B 84 8.82 -15.47 -9.68
C VAL B 84 9.45 -14.68 -8.54
N GLY B 85 10.76 -14.84 -8.37
CA GLY B 85 11.48 -14.13 -7.33
C GLY B 85 12.26 -13.00 -7.94
N ILE B 86 11.98 -11.77 -7.51
CA ILE B 86 12.64 -10.60 -8.05
C ILE B 86 13.62 -9.99 -7.05
N SER B 87 14.87 -9.83 -7.47
CA SER B 87 15.90 -9.25 -6.62
C SER B 87 17.03 -8.71 -7.48
N ARG B 88 17.24 -7.40 -7.42
CA ARG B 88 18.30 -6.78 -8.19
C ARG B 88 19.64 -7.45 -7.92
N SER B 89 19.95 -7.65 -6.64
CA SER B 89 21.20 -8.24 -6.23
C SER B 89 21.19 -9.76 -6.35
N GLY B 90 20.01 -10.35 -6.09
CA GLY B 90 19.91 -11.80 -6.06
C GLY B 90 20.51 -12.39 -4.77
N GLU B 91 20.72 -11.50 -3.77
CA GLU B 91 21.33 -11.94 -2.53
C GLU B 91 20.48 -11.58 -1.30
N THR B 92 19.33 -10.93 -1.48
CA THR B 92 18.48 -10.56 -0.36
C THR B 92 18.04 -11.78 0.45
N THR B 93 18.42 -11.82 1.72
CA THR B 93 18.10 -12.95 2.57
C THR B 93 16.63 -13.38 2.51
N GLU B 94 15.72 -12.43 2.63
CA GLU B 94 14.29 -12.75 2.62
C GLU B 94 13.81 -13.45 1.36
N ILE B 95 14.30 -13.04 0.20
CA ILE B 95 13.83 -13.69 -1.03
C ILE B 95 14.40 -15.11 -1.12
N LEU B 96 15.61 -15.30 -0.60
CA LEU B 96 16.23 -16.62 -0.63
C LEU B 96 15.48 -17.55 0.33
N LEU B 97 15.10 -17.04 1.49
CA LEU B 97 14.36 -17.82 2.47
C LEU B 97 12.99 -18.19 1.90
N ALA B 98 12.37 -17.24 1.19
CA ALA B 98 11.06 -17.46 0.61
C ALA B 98 11.06 -18.55 -0.46
N LEU B 99 12.04 -18.49 -1.35
CA LEU B 99 12.11 -19.46 -2.46
C LEU B 99 12.53 -20.88 -2.02
N GLU B 100 13.30 -20.96 -0.92
CA GLU B 100 13.70 -22.30 -0.48
C GLU B 100 12.51 -23.11 0.04
N LYS B 101 11.44 -22.38 0.37
CA LYS B 101 10.22 -23.04 0.86
C LYS B 101 9.25 -23.36 -0.29
N ILE B 102 9.62 -22.91 -1.49
CA ILE B 102 8.76 -23.14 -2.65
C ILE B 102 9.21 -24.35 -3.47
N ASN B 103 8.28 -25.26 -3.72
CA ASN B 103 8.56 -26.48 -4.48
C ASN B 103 8.10 -26.38 -5.93
N VAL B 104 7.24 -25.41 -6.22
CA VAL B 104 6.75 -25.24 -7.59
C VAL B 104 7.88 -24.63 -8.42
N LYS B 105 7.71 -24.62 -9.73
CA LYS B 105 8.71 -24.06 -10.65
C LYS B 105 9.05 -22.62 -10.23
N LYS B 106 10.34 -22.29 -10.31
CA LYS B 106 10.80 -20.96 -9.92
C LYS B 106 11.59 -20.22 -11.00
N LEU B 107 11.24 -18.95 -11.19
CA LEU B 107 11.93 -18.09 -12.15
C LEU B 107 12.49 -16.90 -11.40
N GLY B 108 13.77 -16.65 -11.57
CA GLY B 108 14.38 -15.51 -10.91
C GLY B 108 14.58 -14.35 -11.86
N ILE B 109 14.52 -13.14 -11.34
CA ILE B 109 14.76 -11.94 -12.15
C ILE B 109 15.78 -11.17 -11.33
N THR B 110 16.97 -11.01 -11.90
CA THR B 110 18.06 -10.36 -11.20
C THR B 110 19.06 -9.80 -12.20
N THR B 111 20.05 -9.04 -11.71
CA THR B 111 21.05 -8.47 -12.61
C THR B 111 22.28 -9.34 -12.78
N ARG B 112 22.42 -10.38 -11.95
CA ARG B 112 23.61 -11.21 -12.04
C ARG B 112 23.47 -12.62 -11.47
N GLU B 113 24.41 -13.48 -11.87
CA GLU B 113 24.48 -14.85 -11.39
C GLU B 113 24.60 -14.63 -9.88
N SER B 114 23.78 -15.34 -9.11
CA SER B 114 23.75 -15.10 -7.68
C SER B 114 23.16 -16.26 -6.90
N SER B 115 23.01 -16.05 -5.59
CA SER B 115 22.41 -17.06 -4.73
C SER B 115 21.01 -17.34 -5.28
N LEU B 116 20.34 -16.29 -5.77
CA LEU B 116 19.00 -16.43 -6.31
C LEU B 116 18.94 -17.31 -7.55
N THR B 117 19.82 -17.06 -8.51
CA THR B 117 19.80 -17.87 -9.73
C THR B 117 20.11 -19.33 -9.42
N ARG B 118 20.94 -19.57 -8.41
CA ARG B 118 21.28 -20.94 -8.05
C ARG B 118 20.12 -21.71 -7.42
N MET B 119 19.11 -21.01 -6.93
CA MET B 119 17.97 -21.72 -6.34
C MET B 119 16.72 -21.69 -7.21
N CYS B 120 16.83 -21.09 -8.39
CA CYS B 120 15.71 -21.02 -9.31
C CYS B 120 15.94 -22.01 -10.45
N ASP B 121 14.86 -22.40 -11.12
CA ASP B 121 14.94 -23.34 -12.23
C ASP B 121 15.40 -22.63 -13.50
N TYR B 122 14.98 -21.37 -13.63
CA TYR B 122 15.35 -20.55 -14.77
C TYR B 122 15.46 -19.13 -14.24
N SER B 123 16.18 -18.28 -14.96
CA SER B 123 16.31 -16.89 -14.53
C SER B 123 16.47 -15.92 -15.70
N LEU B 124 15.99 -14.71 -15.48
CA LEU B 124 16.10 -13.64 -16.44
C LEU B 124 17.19 -12.79 -15.82
N VAL B 125 18.41 -12.95 -16.31
CA VAL B 125 19.54 -12.19 -15.78
C VAL B 125 19.74 -11.00 -16.70
N VAL B 126 19.19 -9.86 -16.30
CA VAL B 126 19.27 -8.64 -17.08
C VAL B 126 20.40 -7.80 -16.49
N PRO B 127 21.55 -7.73 -17.19
CA PRO B 127 22.72 -6.98 -16.76
C PRO B 127 22.66 -5.46 -16.67
N ALA B 128 21.61 -4.94 -16.04
CA ALA B 128 21.46 -3.50 -15.84
C ALA B 128 22.16 -3.24 -14.52
N ILE B 129 23.48 -3.43 -14.50
CA ILE B 129 24.30 -3.27 -13.33
C ILE B 129 24.21 -1.89 -12.68
N GLU B 130 24.13 -1.88 -11.35
CA GLU B 130 24.03 -0.63 -10.61
C GLU B 130 24.90 -0.62 -9.36
N GLU B 131 25.66 0.46 -9.21
CA GLU B 131 26.53 0.62 -8.05
C GLU B 131 25.78 1.39 -6.96
N SER B 132 24.80 2.20 -7.35
CA SER B 132 24.03 2.96 -6.39
C SER B 132 23.19 2.05 -5.50
N VAL B 133 23.02 2.47 -4.26
CA VAL B 133 22.19 1.72 -3.32
C VAL B 133 20.75 1.76 -3.84
N VAL B 134 20.40 2.84 -4.53
CA VAL B 134 19.06 3.01 -5.04
C VAL B 134 18.87 2.44 -6.44
N MET B 135 17.88 1.55 -6.57
CA MET B 135 17.56 0.90 -7.83
C MET B 135 16.93 1.90 -8.80
N THR B 136 17.43 1.96 -10.02
CA THR B 136 16.86 2.86 -11.01
C THR B 136 16.56 2.13 -12.32
N HIS B 137 17.47 2.20 -13.29
CA HIS B 137 17.21 1.56 -14.59
C HIS B 137 16.99 0.05 -14.57
N SER B 138 17.44 -0.63 -13.52
CA SER B 138 17.22 -2.07 -13.47
C SER B 138 15.73 -2.39 -13.31
N PHE B 139 14.99 -1.52 -12.63
CA PHE B 139 13.56 -1.71 -12.45
C PHE B 139 12.90 -1.73 -13.82
N THR B 140 13.20 -0.70 -14.61
CA THR B 140 12.67 -0.53 -15.94
C THR B 140 13.09 -1.66 -16.89
N SER B 141 14.35 -2.04 -16.79
CA SER B 141 14.89 -3.12 -17.64
C SER B 141 14.27 -4.47 -17.29
N PHE B 142 14.15 -4.75 -16.00
CA PHE B 142 13.54 -6.01 -15.55
C PHE B 142 12.10 -6.08 -16.08
N TYR B 143 11.37 -4.98 -15.94
CA TYR B 143 9.99 -4.94 -16.40
C TYR B 143 9.87 -5.26 -17.88
N PHE B 144 10.66 -4.61 -18.71
CA PHE B 144 10.58 -4.86 -20.14
C PHE B 144 10.94 -6.29 -20.52
N ALA B 145 11.99 -6.83 -19.93
CA ALA B 145 12.39 -8.20 -20.24
C ALA B 145 11.26 -9.18 -19.93
N TYR B 146 10.67 -9.04 -18.74
CA TYR B 146 9.60 -9.94 -18.35
C TYR B 146 8.34 -9.71 -19.19
N LEU B 147 8.03 -8.45 -19.49
CA LEU B 147 6.85 -8.14 -20.28
C LEU B 147 6.93 -8.82 -21.65
N GLN B 148 8.10 -8.78 -22.27
CA GLN B 148 8.29 -9.42 -23.56
C GLN B 148 8.04 -10.91 -23.41
N LEU B 149 8.59 -11.49 -22.34
CA LEU B 149 8.42 -12.91 -22.10
C LEU B 149 6.97 -13.29 -21.86
N LEU B 150 6.25 -12.42 -21.15
CA LEU B 150 4.84 -12.65 -20.86
C LEU B 150 4.01 -12.59 -22.15
N ARG B 151 4.21 -11.55 -22.94
CA ARG B 151 3.48 -11.40 -24.20
C ARG B 151 3.74 -12.62 -25.08
N TYR B 152 5.00 -13.00 -25.20
CA TYR B 152 5.39 -14.15 -26.01
C TYR B 152 4.70 -15.43 -25.52
N SER B 153 4.77 -15.67 -24.22
CA SER B 153 4.17 -16.85 -23.62
C SER B 153 2.66 -16.91 -23.84
N TYR B 154 2.02 -15.75 -23.84
CA TYR B 154 0.57 -15.66 -24.01
C TYR B 154 0.13 -15.56 -25.47
N GLY B 155 1.07 -15.69 -26.40
CA GLY B 155 0.73 -15.65 -27.81
C GLY B 155 0.50 -14.28 -28.42
N LEU B 156 1.04 -13.23 -27.80
CA LEU B 156 0.87 -11.87 -28.31
C LEU B 156 2.13 -11.45 -29.10
N PRO B 157 1.97 -10.51 -30.03
CA PRO B 157 3.13 -10.06 -30.81
C PRO B 157 4.14 -9.34 -29.91
N PRO B 158 5.42 -9.40 -30.28
CA PRO B 158 6.49 -8.76 -29.50
C PRO B 158 6.46 -7.24 -29.56
N LEU B 159 6.93 -6.61 -28.50
CA LEU B 159 6.99 -5.15 -28.47
C LEU B 159 8.26 -4.75 -29.22
N ASN B 160 8.28 -3.53 -29.74
CA ASN B 160 9.43 -3.04 -30.47
C ASN B 160 10.39 -2.40 -29.47
N ALA B 161 11.47 -3.09 -29.14
CA ALA B 161 12.45 -2.60 -28.18
C ALA B 161 13.07 -1.27 -28.58
N GLY B 162 13.35 -1.10 -29.87
CA GLY B 162 13.93 0.13 -30.34
C GLY B 162 13.02 1.32 -30.07
N GLU B 163 11.73 1.14 -30.32
CA GLU B 163 10.75 2.20 -30.11
C GLU B 163 10.64 2.56 -28.63
N ILE B 164 10.61 1.54 -27.78
CA ILE B 164 10.49 1.77 -26.35
C ILE B 164 11.76 2.42 -25.80
N SER B 165 12.92 1.97 -26.28
CA SER B 165 14.18 2.54 -25.85
C SER B 165 14.22 4.02 -26.23
N LYS B 166 13.79 4.33 -27.46
CA LYS B 166 13.78 5.71 -27.92
C LYS B 166 12.82 6.55 -27.09
N ALA B 167 11.74 5.93 -26.61
CA ALA B 167 10.78 6.66 -25.79
C ALA B 167 11.44 7.09 -24.47
N THR B 168 12.30 6.25 -23.91
CA THR B 168 12.96 6.62 -22.67
C THR B 168 14.00 7.71 -22.92
N GLU B 169 14.50 7.81 -24.15
CA GLU B 169 15.45 8.85 -24.48
C GLU B 169 14.67 10.17 -24.43
N LYS B 170 13.41 10.13 -24.85
CA LYS B 170 12.58 11.32 -24.81
C LYS B 170 12.37 11.74 -23.35
N SER B 171 12.20 10.75 -22.47
CA SER B 171 12.01 11.06 -21.06
C SER B 171 13.24 11.81 -20.54
N LEU B 172 14.42 11.35 -20.93
CA LEU B 172 15.66 11.98 -20.48
C LEU B 172 15.84 13.42 -20.97
N GLU B 173 15.16 13.79 -22.04
CA GLU B 173 15.26 15.16 -22.55
C GLU B 173 14.68 16.15 -21.54
N TYR B 174 13.87 15.65 -20.63
CA TYR B 174 13.25 16.49 -19.61
C TYR B 174 14.14 16.76 -18.41
N GLU B 175 15.38 16.27 -18.45
CA GLU B 175 16.29 16.45 -17.33
C GLU B 175 16.41 17.90 -16.84
N ARG B 176 16.69 18.83 -17.74
CA ARG B 176 16.86 20.16 -17.18
C ARG B 176 15.53 20.82 -16.81
N TYR B 177 14.41 20.45 -17.41
CA TYR B 177 13.10 20.94 -16.96
C TYR B 177 12.86 20.46 -15.53
N ILE B 178 13.17 19.19 -15.28
CA ILE B 178 13.00 18.62 -13.96
C ILE B 178 13.88 19.33 -12.95
N ARG B 179 15.12 19.64 -13.33
CA ARG B 179 16.04 20.36 -12.46
C ARG B 179 15.42 21.72 -12.12
N GLU B 180 14.79 22.34 -13.12
CA GLU B 180 14.18 23.66 -12.94
C GLU B 180 13.00 23.59 -11.96
N ILE B 181 12.24 22.49 -12.01
CA ILE B 181 11.12 22.34 -11.08
C ILE B 181 11.69 22.34 -9.66
N VAL B 182 12.74 21.55 -9.44
CA VAL B 182 13.37 21.46 -8.13
C VAL B 182 13.94 22.80 -7.69
N GLU B 183 14.48 23.57 -8.64
CA GLU B 183 15.04 24.87 -8.32
C GLU B 183 13.99 25.95 -8.04
N SER B 184 12.90 25.92 -8.80
CA SER B 184 11.85 26.94 -8.67
C SER B 184 10.78 26.73 -7.61
N PHE B 185 10.60 25.49 -7.15
CA PHE B 185 9.60 25.22 -6.12
C PHE B 185 10.20 24.30 -5.07
N ASP B 186 10.60 24.89 -3.94
CA ASP B 186 11.21 24.12 -2.86
C ASP B 186 10.15 23.40 -2.03
N PHE B 187 9.59 22.34 -2.59
CA PHE B 187 8.56 21.59 -1.88
C PHE B 187 9.15 20.84 -0.68
N GLN B 188 8.32 20.70 0.36
CA GLN B 188 8.72 20.02 1.60
C GLN B 188 8.19 18.60 1.71
N ASN B 189 7.17 18.29 0.92
CA ASN B 189 6.64 16.94 0.88
C ASN B 189 6.07 16.75 -0.52
N ILE B 190 5.78 15.50 -0.88
CA ILE B 190 5.32 15.21 -2.23
C ILE B 190 4.40 14.01 -2.24
N ILE B 191 3.45 14.01 -3.17
CA ILE B 191 2.51 12.91 -3.33
C ILE B 191 2.48 12.47 -4.78
N PHE B 192 2.71 11.18 -5.01
CA PHE B 192 2.67 10.61 -6.36
C PHE B 192 1.34 9.89 -6.52
N LEU B 193 0.69 10.11 -7.65
CA LEU B 193 -0.61 9.50 -7.93
C LEU B 193 -0.61 8.76 -9.26
N GLY B 194 -1.24 7.59 -9.27
CA GLY B 194 -1.33 6.80 -10.48
C GLY B 194 -2.38 5.72 -10.30
N SER B 195 -2.94 5.24 -11.41
CA SER B 195 -3.96 4.20 -11.37
C SER B 195 -3.54 3.03 -12.26
N GLY B 196 -4.00 1.83 -11.92
CA GLY B 196 -3.64 0.67 -12.70
C GLY B 196 -2.14 0.48 -12.70
N LEU B 197 -1.55 0.25 -13.87
CA LEU B 197 -0.11 0.03 -13.96
C LEU B 197 0.70 1.20 -13.42
N LEU B 198 0.14 2.40 -13.44
CA LEU B 198 0.87 3.56 -12.94
C LEU B 198 0.84 3.67 -11.43
N TYR B 199 0.03 2.85 -10.75
CA TYR B 199 0.01 2.91 -9.30
C TYR B 199 1.33 2.34 -8.75
N PRO B 200 1.77 1.15 -9.23
CA PRO B 200 3.05 0.65 -8.70
C PRO B 200 4.19 1.62 -9.06
N VAL B 201 4.04 2.33 -10.17
CA VAL B 201 5.06 3.30 -10.56
C VAL B 201 5.05 4.45 -9.54
N ALA B 202 3.87 4.82 -9.07
CA ALA B 202 3.75 5.88 -8.06
C ALA B 202 4.42 5.40 -6.76
N LEU B 203 4.20 4.14 -6.40
CA LEU B 203 4.81 3.58 -5.19
C LEU B 203 6.33 3.60 -5.31
N GLU B 204 6.83 3.18 -6.47
CA GLU B 204 8.27 3.15 -6.70
C GLU B 204 8.83 4.58 -6.69
N ALA B 205 8.13 5.51 -7.33
CA ALA B 205 8.56 6.90 -7.37
C ALA B 205 8.70 7.46 -5.96
N SER B 206 7.71 7.16 -5.11
CA SER B 206 7.73 7.64 -3.75
C SER B 206 8.92 7.07 -2.99
N LEU B 207 9.23 5.79 -3.22
CA LEU B 207 10.37 5.18 -2.56
C LEU B 207 11.68 5.82 -3.03
N LYS B 208 11.78 6.12 -4.33
CA LYS B 208 13.00 6.75 -4.85
C LYS B 208 13.23 8.08 -4.13
N MET B 209 12.18 8.87 -4.00
CA MET B 209 12.26 10.17 -3.34
C MET B 209 12.63 9.98 -1.87
N LYS B 210 12.02 8.99 -1.24
CA LYS B 210 12.27 8.70 0.17
C LYS B 210 13.74 8.33 0.42
N GLU B 211 14.25 7.38 -0.37
CA GLU B 211 15.63 6.93 -0.24
C GLU B 211 16.66 7.98 -0.62
N MET B 212 16.54 8.51 -1.83
CA MET B 212 17.50 9.48 -2.33
C MET B 212 17.52 10.78 -1.52
N SER B 213 16.30 11.29 -1.20
CA SER B 213 16.24 12.61 -0.58
C SER B 213 15.88 12.60 0.92
N ILE B 214 15.82 11.39 1.54
CA ILE B 214 15.38 11.31 2.94
C ILE B 214 14.15 12.19 3.18
N PHE B 215 13.11 11.92 2.34
CA PHE B 215 12.04 12.89 2.15
C PHE B 215 10.66 12.33 2.53
N TRP B 216 9.75 13.29 2.85
CA TRP B 216 8.37 12.95 3.12
C TRP B 216 7.66 12.82 1.78
N SER B 217 7.53 11.58 1.33
CA SER B 217 6.89 11.28 0.06
C SER B 217 5.82 10.22 0.28
N GLU B 218 4.70 10.36 -0.43
CA GLU B 218 3.60 9.41 -0.32
C GLU B 218 3.11 9.05 -1.71
N ALA B 219 2.38 7.93 -1.82
CA ALA B 219 1.85 7.49 -3.10
C ALA B 219 0.49 6.83 -2.90
N TYR B 220 -0.43 7.09 -3.81
CA TYR B 220 -1.78 6.53 -3.72
C TYR B 220 -2.43 6.30 -5.07
N PRO B 221 -3.44 5.41 -5.10
CA PRO B 221 -4.15 5.17 -6.36
C PRO B 221 -4.78 6.55 -6.58
N THR B 222 -4.69 7.06 -7.78
CA THR B 222 -5.17 8.39 -8.12
C THR B 222 -6.29 9.03 -7.31
N PHE B 223 -7.50 8.50 -7.39
CA PHE B 223 -8.61 9.11 -6.69
C PHE B 223 -8.79 8.76 -5.23
N GLU B 224 -8.05 7.76 -4.76
CA GLU B 224 -8.15 7.36 -3.37
C GLU B 224 -7.61 8.46 -2.45
N VAL B 225 -6.72 9.30 -2.99
CA VAL B 225 -6.11 10.36 -2.19
C VAL B 225 -7.10 11.35 -1.58
N ARG B 226 -8.28 11.49 -2.17
CA ARG B 226 -9.29 12.41 -1.62
C ARG B 226 -9.84 11.94 -0.27
N HIS B 227 -9.70 10.65 0.01
CA HIS B 227 -10.22 10.07 1.23
C HIS B 227 -9.32 10.22 2.45
N GLY B 228 -9.17 11.45 2.91
CA GLY B 228 -8.36 11.74 4.09
C GLY B 228 -6.90 12.07 3.83
N PHE B 229 -6.27 11.30 2.96
CA PHE B 229 -4.85 11.49 2.65
C PHE B 229 -4.49 12.90 2.20
N LYS B 230 -5.36 13.52 1.42
CA LYS B 230 -5.10 14.86 0.89
C LYS B 230 -4.93 15.95 1.96
N ALA B 231 -5.28 15.63 3.21
CA ALA B 231 -5.16 16.60 4.29
C ALA B 231 -3.74 17.12 4.50
N ILE B 232 -2.74 16.35 4.11
CA ILE B 232 -1.36 16.78 4.30
C ILE B 232 -0.74 17.52 3.11
N ALA B 233 -1.58 17.92 2.16
CA ALA B 233 -1.09 18.65 0.99
C ALA B 233 -1.48 20.13 1.08
N ASP B 234 -0.48 21.01 1.03
CA ASP B 234 -0.73 22.44 1.05
C ASP B 234 0.30 23.19 0.21
N GLU B 235 0.54 24.45 0.52
CA GLU B 235 1.47 25.27 -0.25
C GLU B 235 2.91 24.75 -0.32
N LYS B 236 3.26 23.82 0.56
CA LYS B 236 4.62 23.27 0.56
C LYS B 236 4.65 21.90 -0.12
N THR B 237 3.56 21.53 -0.77
CA THR B 237 3.46 20.23 -1.40
C THR B 237 3.46 20.22 -2.92
N LEU B 238 4.16 19.25 -3.50
CA LEU B 238 4.15 19.05 -4.94
C LEU B 238 3.35 17.76 -5.12
N VAL B 239 2.34 17.80 -5.98
CA VAL B 239 1.53 16.63 -6.27
C VAL B 239 1.90 16.22 -7.69
N VAL B 240 2.28 14.96 -7.86
CA VAL B 240 2.65 14.46 -9.17
C VAL B 240 1.61 13.46 -9.64
N LEU B 241 0.80 13.88 -10.62
CA LEU B 241 -0.24 13.03 -11.16
C LEU B 241 0.24 12.39 -12.46
N MET B 242 0.26 11.06 -12.47
CA MET B 242 0.68 10.31 -13.64
C MET B 242 -0.55 9.66 -14.23
N VAL B 243 -0.87 9.99 -15.47
CA VAL B 243 -2.06 9.47 -16.11
C VAL B 243 -1.93 9.37 -17.63
N GLU B 244 -2.29 8.22 -18.18
CA GLU B 244 -2.19 8.00 -19.62
C GLU B 244 -3.25 8.79 -20.38
N GLU B 245 -4.51 8.58 -20.02
CA GLU B 245 -5.63 9.27 -20.66
C GLU B 245 -6.52 9.90 -19.60
N PRO B 246 -6.29 11.17 -19.28
CA PRO B 246 -7.09 11.86 -18.27
C PRO B 246 -8.51 12.18 -18.72
N PHE B 247 -9.41 12.27 -17.75
CA PHE B 247 -10.79 12.63 -18.02
C PHE B 247 -11.22 13.68 -17.01
N GLU B 248 -12.49 14.07 -17.04
CA GLU B 248 -13.00 15.12 -16.17
C GLU B 248 -12.56 15.07 -14.70
N TRP B 249 -12.62 13.89 -14.09
CA TRP B 249 -12.22 13.77 -12.70
C TRP B 249 -10.78 14.22 -12.45
N HIS B 250 -9.90 14.01 -13.41
CA HIS B 250 -8.51 14.43 -13.23
C HIS B 250 -8.38 15.94 -13.15
N GLU B 251 -9.13 16.65 -13.97
CA GLU B 251 -9.06 18.10 -13.94
C GLU B 251 -9.58 18.59 -12.59
N LYS B 252 -10.65 17.97 -12.12
CA LYS B 252 -11.22 18.35 -10.83
C LYS B 252 -10.24 18.07 -9.70
N LEU B 253 -9.52 16.95 -9.78
CA LEU B 253 -8.54 16.59 -8.76
C LEU B 253 -7.39 17.59 -8.73
N VAL B 254 -6.92 17.99 -9.91
CA VAL B 254 -5.83 18.96 -9.99
C VAL B 254 -6.28 20.27 -9.34
N LYS B 255 -7.48 20.71 -9.69
CA LYS B 255 -8.03 21.94 -9.13
C LYS B 255 -8.17 21.86 -7.61
N GLU B 256 -8.56 20.68 -7.14
CA GLU B 256 -8.74 20.45 -5.70
C GLU B 256 -7.44 20.68 -4.96
N PHE B 257 -6.35 20.13 -5.48
CA PHE B 257 -5.05 20.29 -4.85
C PHE B 257 -4.54 21.73 -4.93
N LYS B 258 -4.76 22.38 -6.07
CA LYS B 258 -4.32 23.75 -6.21
C LYS B 258 -5.08 24.65 -5.24
N ASN B 259 -6.34 24.30 -4.97
CA ASN B 259 -7.14 25.09 -4.02
C ASN B 259 -6.59 24.98 -2.59
N GLN B 260 -5.90 23.84 -2.33
CA GLN B 260 -5.25 23.68 -1.03
C GLN B 260 -3.89 24.39 -0.97
N GLY B 261 -3.47 24.92 -2.14
CA GLY B 261 -2.23 25.68 -2.19
C GLY B 261 -1.10 24.89 -2.82
N ALA B 262 -1.30 23.59 -3.06
CA ALA B 262 -0.24 22.77 -3.62
C ALA B 262 -0.01 23.05 -5.10
N LYS B 263 1.19 22.70 -5.57
CA LYS B 263 1.50 22.85 -6.98
C LYS B 263 1.38 21.45 -7.57
N VAL B 264 1.02 21.37 -8.84
CA VAL B 264 0.82 20.09 -9.48
C VAL B 264 1.61 19.87 -10.76
N LEU B 265 2.28 18.72 -10.82
CA LEU B 265 3.03 18.31 -11.99
C LEU B 265 2.23 17.16 -12.58
N VAL B 266 1.87 17.27 -13.85
CA VAL B 266 1.16 16.21 -14.52
C VAL B 266 2.10 15.55 -15.52
N ILE B 267 2.28 14.25 -15.38
CA ILE B 267 3.10 13.47 -16.31
C ILE B 267 2.03 12.64 -17.02
N SER B 268 1.92 12.79 -18.34
CA SER B 268 0.88 12.07 -19.04
C SER B 268 1.25 11.80 -20.50
N ASN B 269 0.37 11.02 -21.17
CA ASN B 269 0.50 10.82 -22.61
C ASN B 269 -0.58 11.61 -23.35
N SER B 270 -0.98 12.73 -22.72
CA SER B 270 -2.04 13.55 -23.30
C SER B 270 -1.61 15.02 -23.36
N PRO B 271 -2.11 15.71 -24.39
CA PRO B 271 -1.82 17.13 -24.58
C PRO B 271 -2.74 18.05 -23.74
N GLN B 272 -3.73 17.42 -23.06
CA GLN B 272 -4.73 18.15 -22.28
C GLN B 272 -4.16 18.98 -21.14
N ASP B 273 -4.71 20.21 -21.03
CA ASP B 273 -4.38 21.05 -19.90
C ASP B 273 -5.39 20.81 -18.80
N LEU B 274 -4.91 20.21 -17.70
CA LEU B 274 -5.78 19.96 -16.56
C LEU B 274 -5.66 21.07 -15.51
N GLY B 275 -4.87 22.11 -15.84
CA GLY B 275 -4.68 23.19 -14.88
C GLY B 275 -3.36 23.04 -14.11
N GLN B 276 -2.53 22.05 -14.53
CA GLN B 276 -1.27 21.79 -13.84
C GLN B 276 -0.27 22.95 -13.94
N ASP B 277 0.64 22.99 -12.98
CA ASP B 277 1.69 24.01 -12.94
C ASP B 277 2.89 23.57 -13.76
N TYR B 278 3.15 22.26 -13.77
CA TYR B 278 4.26 21.67 -14.50
C TYR B 278 3.68 20.55 -15.36
N SER B 279 4.21 20.37 -16.57
CA SER B 279 3.70 19.35 -17.46
C SER B 279 4.80 18.60 -18.20
N ILE B 280 4.71 17.28 -18.20
CA ILE B 280 5.67 16.42 -18.88
C ILE B 280 4.87 15.44 -19.72
N GLU B 281 4.98 15.56 -21.04
CA GLU B 281 4.28 14.69 -21.97
C GLU B 281 5.22 13.62 -22.49
N LEU B 282 4.80 12.36 -22.35
CA LEU B 282 5.62 11.23 -22.78
C LEU B 282 5.01 10.49 -23.96
N PRO B 283 5.85 9.81 -24.77
CA PRO B 283 5.36 9.07 -25.93
C PRO B 283 4.41 7.96 -25.48
N ARG B 284 3.24 7.87 -26.11
CA ARG B 284 2.28 6.83 -25.74
C ARG B 284 2.69 5.52 -26.41
N LEU B 285 2.70 4.45 -25.64
CA LEU B 285 3.09 3.14 -26.16
C LEU B 285 1.97 2.14 -25.91
N SER B 286 2.22 0.88 -26.27
CA SER B 286 1.27 -0.20 -26.03
C SER B 286 0.90 -0.05 -24.55
N LYS B 287 -0.37 -0.25 -24.21
CA LYS B 287 -0.82 -0.09 -22.84
C LYS B 287 0.09 -0.70 -21.77
N ASP B 288 0.54 -1.93 -22.01
CA ASP B 288 1.40 -2.60 -21.05
C ASP B 288 2.81 -2.00 -20.92
N ALA B 289 3.35 -1.48 -22.01
CA ALA B 289 4.69 -0.89 -22.00
C ALA B 289 4.67 0.60 -21.67
N ASN B 290 3.50 1.21 -21.76
CA ASN B 290 3.34 2.64 -21.52
C ASN B 290 3.95 3.21 -20.23
N PRO B 291 3.97 2.44 -19.14
CA PRO B 291 4.55 2.98 -17.90
C PRO B 291 6.06 3.20 -17.95
N ILE B 292 6.74 2.48 -18.84
CA ILE B 292 8.19 2.57 -18.94
C ILE B 292 8.80 3.98 -18.98
N PRO B 293 8.34 4.85 -19.88
CA PRO B 293 8.92 6.21 -19.93
C PRO B 293 8.72 7.04 -18.66
N TYR B 294 7.78 6.65 -17.81
CA TYR B 294 7.51 7.38 -16.57
C TYR B 294 8.62 7.19 -15.53
N LEU B 295 9.23 6.02 -15.53
CA LEU B 295 10.27 5.72 -14.54
C LEU B 295 11.47 6.67 -14.55
N PRO B 296 12.09 6.91 -15.72
CA PRO B 296 13.22 7.83 -15.66
C PRO B 296 12.82 9.24 -15.19
N ILE B 297 11.59 9.65 -15.46
CA ILE B 297 11.14 10.96 -15.02
C ILE B 297 11.13 11.06 -13.50
N VAL B 298 10.49 10.10 -12.84
CA VAL B 298 10.42 10.15 -11.38
C VAL B 298 11.78 9.90 -10.72
N GLN B 299 12.63 9.13 -11.38
CA GLN B 299 13.97 8.87 -10.84
C GLN B 299 14.80 10.16 -10.90
N LEU B 300 14.67 10.91 -12.00
CA LEU B 300 15.39 12.17 -12.14
C LEU B 300 14.90 13.21 -11.14
N LEU B 301 13.60 13.24 -10.92
CA LEU B 301 13.03 14.20 -9.97
C LEU B 301 13.57 13.93 -8.57
N SER B 302 13.64 12.66 -8.21
CA SER B 302 14.14 12.27 -6.90
C SER B 302 15.64 12.57 -6.79
N TYR B 303 16.38 12.32 -7.86
CA TYR B 303 17.82 12.58 -7.86
C TYR B 303 18.13 14.06 -7.65
N TYR B 304 17.49 14.92 -8.45
CA TYR B 304 17.75 16.33 -8.32
C TYR B 304 17.26 16.94 -7.02
N LYS B 305 16.18 16.40 -6.46
CA LYS B 305 15.72 16.93 -5.19
C LYS B 305 16.77 16.56 -4.13
N ALA B 306 17.32 15.36 -4.23
CA ALA B 306 18.33 14.90 -3.28
C ALA B 306 19.56 15.79 -3.32
N VAL B 307 20.05 16.06 -4.52
CA VAL B 307 21.23 16.91 -4.68
C VAL B 307 20.97 18.33 -4.16
N SER B 308 19.75 18.82 -4.34
CA SER B 308 19.42 20.16 -3.87
C SER B 308 19.46 20.24 -2.34
N ARG B 309 19.34 19.06 -1.70
CA ARG B 309 19.37 19.01 -0.24
C ARG B 309 20.76 18.64 0.29
N GLY B 310 21.74 18.60 -0.64
CA GLY B 310 23.12 18.30 -0.26
C GLY B 310 23.30 16.83 0.16
N LEU B 311 22.43 15.95 -0.34
CA LEU B 311 22.50 14.54 -0.02
C LEU B 311 23.16 13.73 -1.12
N ASN B 312 23.65 12.54 -0.75
CA ASN B 312 24.27 11.64 -1.72
C ASN B 312 23.29 10.51 -1.99
N PRO B 313 22.62 10.56 -3.15
CA PRO B 313 21.66 9.51 -3.51
C PRO B 313 22.26 8.12 -3.69
N ASP B 314 23.57 8.06 -3.95
CA ASP B 314 24.26 6.79 -4.14
C ASP B 314 24.31 5.96 -2.86
N ASN B 315 24.43 6.64 -1.73
CA ASN B 315 24.49 5.96 -0.43
C ASN B 315 23.70 6.69 0.64
N PRO B 316 22.37 6.52 0.63
CA PRO B 316 21.51 7.18 1.62
C PRO B 316 21.84 6.69 3.03
N ARG B 317 21.69 7.58 4.01
CA ARG B 317 21.98 7.21 5.38
C ARG B 317 21.19 5.98 5.81
N PHE B 318 21.83 5.14 6.63
CA PHE B 318 21.23 3.92 7.18
C PHE B 318 20.95 2.76 6.22
N LEU B 319 21.07 2.99 4.92
CA LEU B 319 20.75 1.92 3.97
C LEU B 319 21.91 1.06 3.50
N ASP B 320 21.61 -0.22 3.27
CA ASP B 320 22.59 -1.17 2.76
C ASP B 320 22.23 -1.45 1.31
N LYS B 321 23.22 -1.83 0.51
CA LYS B 321 22.99 -2.16 -0.89
C LYS B 321 22.03 -3.35 -0.93
N VAL B 322 22.28 -4.31 -0.04
CA VAL B 322 21.47 -5.52 0.07
C VAL B 322 21.04 -5.72 1.51
N VAL B 323 19.74 -5.95 1.72
CA VAL B 323 19.25 -6.19 3.07
C VAL B 323 19.46 -7.66 3.41
N ARG B 324 20.29 -7.92 4.42
CA ARG B 324 20.56 -9.27 4.85
C ARG B 324 20.24 -9.45 6.32
N TRP B 325 19.96 -10.69 6.71
CA TRP B 325 19.67 -11.04 8.09
C TRP B 325 20.63 -12.13 8.52
#